data_2VB6
#
_entry.id   2VB6
#
_cell.length_a   73.310
_cell.length_b   107.590
_cell.length_c   178.300
_cell.angle_alpha   90.00
_cell.angle_beta   90.00
_cell.angle_gamma   90.00
#
_symmetry.space_group_name_H-M   'P 21 21 21'
#
loop_
_entity.id
_entity.type
_entity.pdbx_description
1 polymer 'MYOSIN VI'
2 polymer CALMODULIN
3 non-polymer "ADENOSINE-5'-DIPHOSPHATE"
4 non-polymer 'BERYLLIUM TRIFLUORIDE ION'
5 non-polymer 'MAGNESIUM ION'
6 non-polymer 'CALCIUM ION'
7 water water
#
loop_
_entity_poly.entity_id
_entity_poly.type
_entity_poly.pdbx_seq_one_letter_code
_entity_poly.pdbx_strand_id
1 'polypeptide(L)'
;EDGKPVWAPHPTDGFQVGNIVDIGPDSLTIEPLNQKGKTFLALINQVFPAEEDSKKDVEDNCSLMYLNEATLLHNIKVRY
SKDRIYTYVANILIAVNPYFDIPKIYSSETIKSYQGKSLGTMPPHVFAIADKAFRDMKVLKLSQSIIVSGESGAGKTENT
KFVLRYLTESYGTGQDIDDRIVEANPLLEAFGNAKTVRNNNSSRFGKFVEIHFNEKSSVVGGFVSHYLLEKSRICVQGKE
ERNYHIFYRLCAGASEDIRERLHLSSPDNFRYLNRGGSLKDPLLDDHGDFIRMCTAMKKIGLDDEEKLDLFRVVAGVLHL
GNIDFEEAGSTSGGCNLKNKSTQALEYCAELLGLDQDDLRVSLTTRVMLTTAGGAKGTVIKVPLKVEQANNARDALAKTV
YSHLFDHVVNRVNQCFPFETSSYFIGVLDIAGFEYFEHNSFEQFCINYCNEKLQQFFNERILKEEQELYQKEGLGVNEVH
YVDNQDCIDLIEARLVGILDILDEENRLPQPSDQHFTSAVHQKHKDHFRLSIPRKSKLAIHRNIRDDEGFIIRHFAGAVC
YETTQFVEKNNDALHMSLESLICESRDKFIRELFESSTNNNKDTKQKAGKLSFISVGNKFKTQLNLLLDKLRSTGASFIR
CIKPNLKMTSHHFEGAQILSQLQCSGMVSVLDLMQGGFPSRASFHELYNMYKKYMPDKLARLDPRLFCKALFKALGLNEI
DYKFGLTKVFFRPGKFAEFDQIMKSDPDHLAELVKRVNHWLICSRWKKVQWCSLSVIKLKNKIKYRAE
;
A
2 'polypeptide(L)'
;MADQLTEEQIAEFKEAFSLFDKDGDGTITTKELGTVMRSLGQNPTEAELQDMINEVDADGNGTIDFPEFLTMMARKMKDT
DSEEEIREAFRVFDKDGNGFISAAELRHVMTNLGEKLTDEEVDEMIRESDIDGDGQVNYEEFVTMMTSK
;
B
#
loop_
_chem_comp.id
_chem_comp.type
_chem_comp.name
_chem_comp.formula
ADP non-polymer ADENOSINE-5'-DIPHOSPHATE 'C10 H15 N5 O10 P2'
BEF non-polymer 'BERYLLIUM TRIFLUORIDE ION' 'Be F3 -1'
CA non-polymer 'CALCIUM ION' 'Ca 2'
MG non-polymer 'MAGNESIUM ION' 'Mg 2'
#
# COMPACT_ATOMS: atom_id res chain seq x y z
N GLY A 3 -33.02 7.24 -19.31
CA GLY A 3 -32.46 8.18 -18.28
C GLY A 3 -30.96 8.36 -18.47
N LYS A 4 -30.24 8.51 -17.36
CA LYS A 4 -28.79 8.68 -17.41
C LYS A 4 -28.14 7.33 -17.66
N PRO A 5 -27.03 7.31 -18.42
CA PRO A 5 -26.24 6.10 -18.60
C PRO A 5 -25.74 5.57 -17.26
N VAL A 6 -25.55 4.26 -17.20
CA VAL A 6 -25.15 3.56 -15.98
C VAL A 6 -24.14 2.50 -16.37
N TRP A 7 -23.42 1.95 -15.39
CA TRP A 7 -22.54 0.82 -15.66
C TRP A 7 -23.26 -0.49 -15.42
N ALA A 8 -23.09 -1.43 -16.33
CA ALA A 8 -23.68 -2.75 -16.19
C ALA A 8 -22.67 -3.78 -16.64
N PRO A 9 -22.79 -5.04 -16.15
CA PRO A 9 -21.79 -6.06 -16.39
C PRO A 9 -21.48 -6.27 -17.87
N HIS A 10 -20.23 -6.63 -18.15
CA HIS A 10 -19.80 -6.97 -19.49
C HIS A 10 -18.82 -8.14 -19.33
N PRO A 11 -19.03 -9.23 -20.09
CA PRO A 11 -18.25 -10.44 -19.81
C PRO A 11 -16.74 -10.33 -20.04
N THR A 12 -16.29 -9.45 -20.94
CA THR A 12 -14.84 -9.25 -21.13
C THR A 12 -14.30 -7.88 -20.68
N ASP A 13 -15.17 -6.87 -20.66
CA ASP A 13 -14.79 -5.55 -20.15
C ASP A 13 -15.09 -5.34 -18.66
N GLY A 14 -15.76 -6.31 -18.03
CA GLY A 14 -16.22 -6.13 -16.64
C GLY A 14 -17.46 -5.28 -16.53
N PHE A 15 -17.38 -4.03 -16.99
CA PHE A 15 -18.54 -3.16 -17.10
C PHE A 15 -18.62 -2.45 -18.46
N GLN A 16 -19.83 -2.08 -18.85
CA GLN A 16 -20.08 -1.40 -20.12
C GLN A 16 -21.13 -0.35 -19.87
N VAL A 17 -21.17 0.67 -20.72
CA VAL A 17 -22.18 1.73 -20.61
C VAL A 17 -23.49 1.17 -21.21
N GLY A 18 -24.60 1.48 -20.55
CA GLY A 18 -25.92 1.15 -21.07
C GLY A 18 -26.97 2.00 -20.39
N ASN A 19 -28.23 1.77 -20.75
CA ASN A 19 -29.36 2.46 -20.16
C ASN A 19 -30.35 1.47 -19.54
N ILE A 20 -30.97 1.84 -18.43
CA ILE A 20 -32.02 1.03 -17.85
C ILE A 20 -33.29 1.24 -18.67
N VAL A 21 -33.78 0.16 -19.29
CA VAL A 21 -34.97 0.26 -20.14
C VAL A 21 -36.16 -0.37 -19.46
N ASP A 22 -35.91 -1.07 -18.35
CA ASP A 22 -36.96 -1.67 -17.55
C ASP A 22 -36.41 -2.14 -16.22
N ILE A 23 -37.29 -2.07 -15.22
CA ILE A 23 -36.98 -2.44 -13.84
C ILE A 23 -37.82 -3.65 -13.42
N GLY A 24 -37.16 -4.65 -12.85
CA GLY A 24 -37.83 -5.78 -12.20
C GLY A 24 -37.53 -5.78 -10.70
N PRO A 25 -38.13 -6.72 -9.96
CA PRO A 25 -37.85 -6.82 -8.51
C PRO A 25 -36.50 -7.46 -8.17
N ASP A 26 -35.95 -8.26 -9.08
CA ASP A 26 -34.63 -8.90 -8.87
C ASP A 26 -33.55 -8.35 -9.81
N SER A 27 -33.95 -8.07 -11.05
CA SER A 27 -33.00 -7.68 -12.08
C SER A 27 -33.52 -6.55 -12.97
N LEU A 28 -32.59 -5.80 -13.55
CA LEU A 28 -32.94 -4.71 -14.46
C LEU A 28 -32.69 -5.08 -15.91
N THR A 29 -33.43 -4.48 -16.83
CA THR A 29 -33.20 -4.69 -18.23
C THR A 29 -32.34 -3.57 -18.79
N ILE A 30 -31.21 -3.96 -19.37
CA ILE A 30 -30.22 -3.02 -19.86
C ILE A 30 -30.10 -3.08 -21.38
N GLU A 31 -30.12 -1.91 -22.01
CA GLU A 31 -29.76 -1.79 -23.41
C GLU A 31 -28.35 -1.21 -23.50
N PRO A 32 -27.42 -1.94 -24.12
CA PRO A 32 -26.05 -1.43 -24.29
C PRO A 32 -26.06 -0.18 -25.15
N LEU A 33 -25.16 0.75 -24.87
CA LEU A 33 -25.12 2.04 -25.57
C LEU A 33 -25.08 1.83 -27.10
N ASN A 34 -26.01 2.48 -27.78
CA ASN A 34 -26.12 2.49 -29.25
C ASN A 34 -26.59 1.17 -29.89
N GLN A 35 -26.72 0.12 -29.09
CA GLN A 35 -27.21 -1.15 -29.58
C GLN A 35 -28.71 -1.30 -29.31
N LYS A 36 -29.51 -0.36 -29.82
CA LYS A 36 -30.97 -0.43 -29.77
C LYS A 36 -31.46 -1.79 -30.29
N GLY A 37 -32.42 -2.39 -29.59
CA GLY A 37 -32.86 -3.75 -29.89
C GLY A 37 -32.15 -4.82 -29.08
N LYS A 38 -30.91 -4.53 -28.68
CA LYS A 38 -30.15 -5.47 -27.86
C LYS A 38 -30.50 -5.20 -26.40
N THR A 39 -30.94 -6.24 -25.69
CA THR A 39 -31.20 -6.14 -24.24
C THR A 39 -30.55 -7.32 -23.50
N PHE A 40 -30.26 -7.10 -22.22
CA PHE A 40 -29.85 -8.18 -21.33
C PHE A 40 -30.25 -7.84 -19.91
N LEU A 41 -30.22 -8.85 -19.04
CA LEU A 41 -30.62 -8.69 -17.64
C LEU A 41 -29.41 -8.59 -16.73
N ALA A 42 -29.54 -7.80 -15.67
CA ALA A 42 -28.50 -7.71 -14.66
C ALA A 42 -29.16 -7.59 -13.32
N LEU A 43 -28.57 -8.22 -12.30
CA LEU A 43 -29.06 -8.04 -10.92
C LEU A 43 -28.92 -6.57 -10.54
N ILE A 44 -29.90 -6.07 -9.77
CA ILE A 44 -29.91 -4.68 -9.32
C ILE A 44 -28.58 -4.28 -8.69
N ASN A 45 -27.98 -5.18 -7.92
CA ASN A 45 -26.74 -4.89 -7.20
C ASN A 45 -25.48 -4.93 -8.09
N GLN A 46 -25.68 -5.16 -9.39
CA GLN A 46 -24.58 -5.18 -10.36
C GLN A 46 -24.68 -4.08 -11.42
N VAL A 47 -25.59 -3.14 -11.19
CA VAL A 47 -25.74 -1.98 -12.04
C VAL A 47 -25.46 -0.75 -11.19
N PHE A 48 -24.59 0.12 -11.70
CA PHE A 48 -24.01 1.20 -10.90
C PHE A 48 -24.13 2.54 -11.61
N PRO A 49 -24.34 3.61 -10.83
CA PRO A 49 -24.32 4.93 -11.47
C PRO A 49 -22.91 5.24 -11.99
N ALA A 50 -22.86 6.03 -13.05
CA ALA A 50 -21.61 6.40 -13.69
C ALA A 50 -21.34 7.89 -13.48
N GLU A 51 -20.06 8.26 -13.44
CA GLU A 51 -19.67 9.69 -13.47
C GLU A 51 -20.14 10.30 -14.78
N GLU A 52 -20.71 11.50 -14.69
CA GLU A 52 -21.21 12.24 -15.87
C GLU A 52 -20.07 12.57 -16.79
N ASP A 53 -18.93 12.92 -16.21
CA ASP A 53 -17.73 13.15 -17.00
C ASP A 53 -16.93 11.86 -17.14
N SER A 54 -17.02 11.27 -18.33
CA SER A 54 -16.39 10.00 -18.60
C SER A 54 -14.93 10.15 -19.07
N LYS A 55 -14.47 11.39 -19.13
CA LYS A 55 -13.14 11.70 -19.63
C LYS A 55 -12.15 12.09 -18.52
N LYS A 56 -12.67 12.67 -17.44
CA LYS A 56 -11.87 13.00 -16.25
C LYS A 56 -11.27 11.77 -15.58
N ASP A 57 -10.17 11.98 -14.88
CA ASP A 57 -9.66 10.99 -13.94
C ASP A 57 -9.32 11.70 -12.64
N VAL A 58 -9.36 10.94 -11.55
CA VAL A 58 -9.01 11.48 -10.25
C VAL A 58 -7.94 10.59 -9.66
N GLU A 59 -7.01 11.23 -8.96
CA GLU A 59 -5.92 10.59 -8.25
C GLU A 59 -6.37 9.76 -7.06
N ASP A 60 -7.43 10.19 -6.40
CA ASP A 60 -7.99 9.48 -5.27
C ASP A 60 -9.43 9.14 -5.62
N ASN A 61 -9.74 7.85 -5.63
CA ASN A 61 -11.09 7.40 -5.99
C ASN A 61 -12.21 7.95 -5.11
N CYS A 62 -11.85 8.40 -3.90
CA CYS A 62 -12.78 9.08 -2.98
C CYS A 62 -13.24 10.44 -3.48
N SER A 63 -12.64 10.90 -4.57
CA SER A 63 -13.12 12.13 -5.22
C SER A 63 -14.21 11.87 -6.26
N LEU A 64 -14.50 10.61 -6.57
CA LEU A 64 -15.62 10.28 -7.46
C LEU A 64 -16.95 10.64 -6.80
N MET A 65 -17.93 11.06 -7.60
CA MET A 65 -19.27 11.29 -7.04
C MET A 65 -19.97 9.99 -6.68
N TYR A 66 -19.62 8.93 -7.42
CA TYR A 66 -20.13 7.60 -7.12
C TYR A 66 -18.95 6.66 -7.02
N LEU A 67 -18.70 6.18 -5.82
CA LEU A 67 -17.60 5.28 -5.62
C LEU A 67 -18.10 3.85 -5.52
N ASN A 68 -17.97 3.12 -6.63
CA ASN A 68 -18.30 1.72 -6.68
C ASN A 68 -17.28 1.02 -7.56
N GLU A 69 -17.41 -0.30 -7.70
CA GLU A 69 -16.46 -1.11 -8.45
C GLU A 69 -16.39 -0.72 -9.93
N ALA A 70 -17.50 -0.26 -10.49
CA ALA A 70 -17.54 0.13 -11.91
C ALA A 70 -16.84 1.47 -12.16
N THR A 71 -17.13 2.45 -11.31
CA THR A 71 -16.57 3.78 -11.48
C THR A 71 -15.07 3.76 -11.20
N LEU A 72 -14.68 2.85 -10.32
CA LEU A 72 -13.29 2.63 -9.94
C LEU A 72 -12.53 1.95 -11.06
N LEU A 73 -13.15 0.91 -11.64
CA LEU A 73 -12.58 0.24 -12.79
C LEU A 73 -12.31 1.26 -13.89
N HIS A 74 -13.30 2.10 -14.16
CA HIS A 74 -13.19 3.11 -15.21
C HIS A 74 -12.12 4.18 -14.93
N ASN A 75 -12.04 4.65 -13.68
CA ASN A 75 -11.06 5.68 -13.32
C ASN A 75 -9.62 5.22 -13.55
N ILE A 76 -9.38 3.98 -13.14
CA ILE A 76 -8.10 3.31 -13.24
C ILE A 76 -7.74 3.03 -14.72
N LYS A 77 -8.75 2.67 -15.51
CA LYS A 77 -8.63 2.48 -16.96
C LYS A 77 -8.16 3.76 -17.68
N VAL A 78 -8.88 4.87 -17.48
CA VAL A 78 -8.48 6.16 -18.03
C VAL A 78 -7.03 6.51 -17.66
N ARG A 79 -6.72 6.46 -16.38
CA ARG A 79 -5.38 6.82 -15.92
C ARG A 79 -4.30 5.96 -16.57
N TYR A 80 -4.56 4.65 -16.67
CA TYR A 80 -3.62 3.68 -17.24
C TYR A 80 -3.33 3.95 -18.70
N SER A 81 -4.35 4.39 -19.43
CA SER A 81 -4.21 4.76 -20.83
C SER A 81 -3.39 6.03 -21.01
N LYS A 82 -3.17 6.77 -19.92
CA LYS A 82 -2.37 7.99 -19.92
C LYS A 82 -1.06 7.77 -19.14
N ASP A 83 -0.73 6.50 -18.98
CA ASP A 83 0.48 6.05 -18.30
C ASP A 83 0.54 6.47 -16.84
N ARG A 84 -0.64 6.66 -16.25
CA ARG A 84 -0.77 6.87 -14.81
C ARG A 84 -1.20 5.57 -14.15
N ILE A 85 -0.20 4.78 -13.78
CA ILE A 85 -0.42 3.44 -13.20
C ILE A 85 -0.85 3.39 -11.72
N TYR A 86 -0.66 4.51 -11.00
CA TYR A 86 -0.91 4.59 -9.57
C TYR A 86 -2.12 5.44 -9.29
N THR A 87 -2.99 4.95 -8.42
CA THR A 87 -4.19 5.68 -8.00
C THR A 87 -4.49 5.32 -6.54
N TYR A 88 -4.96 6.28 -5.75
CA TYR A 88 -5.38 5.99 -4.37
C TYR A 88 -6.84 5.58 -4.21
N VAL A 89 -7.07 4.73 -3.21
CA VAL A 89 -8.39 4.61 -2.57
C VAL A 89 -8.11 4.98 -1.11
N ALA A 90 -8.36 6.23 -0.75
CA ALA A 90 -7.86 6.84 0.50
C ALA A 90 -6.37 6.55 0.67
N ASN A 91 -5.99 5.80 1.69
CA ASN A 91 -4.59 5.50 1.92
C ASN A 91 -4.06 4.30 1.12
N ILE A 92 -4.94 3.53 0.48
CA ILE A 92 -4.50 2.35 -0.24
C ILE A 92 -3.98 2.76 -1.63
N LEU A 93 -2.86 2.20 -2.04
CA LEU A 93 -2.31 2.44 -3.37
C LEU A 93 -2.67 1.30 -4.34
N ILE A 94 -3.31 1.64 -5.45
CA ILE A 94 -3.50 0.67 -6.53
C ILE A 94 -2.46 0.94 -7.59
N ALA A 95 -1.73 -0.10 -7.99
CA ALA A 95 -0.67 -0.01 -9.00
C ALA A 95 -0.93 -0.99 -10.14
N VAL A 96 -1.18 -0.46 -11.34
CA VAL A 96 -1.37 -1.33 -12.51
C VAL A 96 -0.04 -1.52 -13.29
N ASN A 97 0.33 -2.77 -13.53
CA ASN A 97 1.59 -3.07 -14.23
C ASN A 97 1.62 -2.50 -15.67
N PRO A 98 2.53 -1.55 -15.95
CA PRO A 98 2.54 -0.95 -17.31
C PRO A 98 3.16 -1.85 -18.38
N TYR A 99 4.02 -2.77 -17.98
CA TYR A 99 4.77 -3.67 -18.90
C TYR A 99 5.73 -2.90 -19.87
N PHE A 100 6.02 -1.65 -19.53
CA PHE A 100 7.08 -0.89 -20.18
C PHE A 100 7.62 0.17 -19.23
N ASP A 101 8.78 0.72 -19.57
CA ASP A 101 9.46 1.69 -18.72
C ASP A 101 8.92 3.07 -18.99
N ILE A 102 8.03 3.54 -18.11
CA ILE A 102 7.49 4.91 -18.15
C ILE A 102 8.58 5.92 -17.70
N PRO A 103 8.75 7.00 -18.47
CA PRO A 103 9.82 7.97 -18.13
C PRO A 103 9.53 8.86 -16.92
N LYS A 104 10.59 9.37 -16.29
CA LYS A 104 10.53 10.44 -15.28
C LYS A 104 10.09 9.99 -13.89
N ILE A 105 9.12 9.08 -13.84
CA ILE A 105 8.42 8.75 -12.60
C ILE A 105 9.25 7.96 -11.58
N TYR A 106 10.37 7.38 -12.01
CA TYR A 106 11.25 6.66 -11.09
C TYR A 106 12.64 7.29 -10.91
N SER A 107 12.82 8.51 -11.41
CA SER A 107 14.13 9.16 -11.36
C SER A 107 14.51 9.53 -9.92
N SER A 108 15.80 9.74 -9.69
CA SER A 108 16.29 10.17 -8.39
C SER A 108 15.78 11.57 -8.06
N GLU A 109 15.55 12.36 -9.10
CA GLU A 109 15.02 13.70 -8.93
C GLU A 109 13.53 13.66 -8.55
N THR A 110 12.79 12.70 -9.12
CA THR A 110 11.41 12.45 -8.69
C THR A 110 11.37 11.98 -7.24
N ILE A 111 12.28 11.08 -6.86
CA ILE A 111 12.45 10.66 -5.46
C ILE A 111 12.49 11.89 -4.53
N LYS A 112 13.36 12.86 -4.87
CA LYS A 112 13.49 14.12 -4.11
C LYS A 112 12.20 14.92 -3.97
N SER A 113 11.42 15.00 -5.03
CA SER A 113 10.14 15.73 -5.00
C SER A 113 9.11 15.11 -4.03
N TYR A 114 9.31 13.85 -3.66
CA TYR A 114 8.40 13.14 -2.75
C TYR A 114 8.76 13.24 -1.27
N GLN A 115 10.00 13.60 -0.99
CA GLN A 115 10.52 13.62 0.37
C GLN A 115 9.73 14.58 1.27
N GLY A 116 9.24 14.05 2.38
CA GLY A 116 8.49 14.82 3.36
C GLY A 116 7.06 15.20 3.00
N LYS A 117 6.57 14.83 1.82
CA LYS A 117 5.24 15.28 1.39
C LYS A 117 4.14 14.33 1.90
N SER A 118 3.01 14.91 2.33
CA SER A 118 1.85 14.13 2.76
C SER A 118 1.18 13.44 1.57
N LEU A 119 0.50 12.33 1.83
CA LEU A 119 -0.24 11.63 0.77
C LEU A 119 -1.26 12.58 0.20
N GLY A 120 -1.28 12.74 -1.11
CA GLY A 120 -2.25 13.60 -1.76
C GLY A 120 -1.74 14.98 -2.15
N THR A 121 -0.58 15.35 -1.62
CA THR A 121 0.08 16.60 -2.04
C THR A 121 0.87 16.38 -3.33
N MET A 122 1.28 15.13 -3.57
CA MET A 122 1.92 14.73 -4.84
C MET A 122 1.05 13.69 -5.54
N PRO A 123 1.21 13.53 -6.88
CA PRO A 123 0.46 12.47 -7.56
C PRO A 123 0.68 11.12 -6.88
N PRO A 124 -0.31 10.19 -6.97
CA PRO A 124 -0.16 8.87 -6.36
C PRO A 124 1.13 8.17 -6.80
N HIS A 125 1.86 7.61 -5.84
CA HIS A 125 3.11 6.95 -6.12
C HIS A 125 3.46 5.95 -5.03
N VAL A 126 4.16 4.88 -5.41
CA VAL A 126 4.83 4.03 -4.43
C VAL A 126 5.79 4.83 -3.51
N PHE A 127 6.41 5.90 -4.06
CA PHE A 127 7.31 6.81 -3.30
C PHE A 127 6.60 7.48 -2.13
N ALA A 128 5.35 7.88 -2.33
CA ALA A 128 4.53 8.48 -1.28
C ALA A 128 4.17 7.52 -0.13
N ILE A 129 3.93 6.24 -0.46
CA ILE A 129 3.64 5.21 0.53
C ILE A 129 4.89 4.96 1.36
N ALA A 130 6.03 4.95 0.68
CA ALA A 130 7.32 4.78 1.31
C ALA A 130 7.65 5.95 2.28
N ASP A 131 7.38 7.18 1.85
CA ASP A 131 7.66 8.38 2.67
C ASP A 131 6.75 8.45 3.89
N LYS A 132 5.47 8.20 3.69
CA LYS A 132 4.52 8.12 4.80
C LYS A 132 4.96 7.09 5.85
N ALA A 133 5.49 5.96 5.39
CA ALA A 133 5.99 4.94 6.30
C ALA A 133 7.23 5.40 7.11
N PHE A 134 8.17 6.09 6.46
CA PHE A 134 9.30 6.64 7.19
C PHE A 134 8.84 7.72 8.19
N ARG A 135 8.00 8.64 7.71
CA ARG A 135 7.49 9.71 8.53
C ARG A 135 6.72 9.20 9.73
N ASP A 136 5.86 8.20 9.52
CA ASP A 136 5.08 7.63 10.60
C ASP A 136 5.97 6.91 11.61
N MET A 137 7.00 6.21 11.12
CA MET A 137 7.97 5.54 11.98
C MET A 137 8.67 6.53 12.91
N LYS A 138 9.11 7.65 12.34
CA LYS A 138 9.84 8.69 13.05
C LYS A 138 8.91 9.44 14.02
N VAL A 139 7.76 9.89 13.54
CA VAL A 139 6.84 10.66 14.38
C VAL A 139 6.17 9.82 15.48
N LEU A 140 5.60 8.68 15.08
CA LEU A 140 4.84 7.83 15.98
C LEU A 140 5.71 6.87 16.77
N LYS A 141 6.97 6.71 16.35
CA LYS A 141 7.92 5.83 17.03
C LYS A 141 7.40 4.40 17.05
N LEU A 142 7.15 3.90 15.85
CA LEU A 142 6.43 2.67 15.62
C LEU A 142 6.95 2.08 14.33
N SER A 143 7.34 0.83 14.38
CA SER A 143 7.74 0.10 13.20
C SER A 143 6.62 0.07 12.18
N GLN A 144 7.00 -0.04 10.92
CA GLN A 144 6.05 0.09 9.82
C GLN A 144 6.15 -1.07 8.85
N SER A 145 5.00 -1.39 8.24
CA SER A 145 4.96 -2.39 7.19
C SER A 145 4.23 -1.86 5.95
N ILE A 146 4.73 -2.28 4.79
CA ILE A 146 4.13 -1.98 3.51
C ILE A 146 3.84 -3.34 2.87
N ILE A 147 2.57 -3.67 2.73
CA ILE A 147 2.20 -4.98 2.15
C ILE A 147 1.87 -4.78 0.66
N VAL A 148 2.67 -5.42 -0.18
CA VAL A 148 2.54 -5.30 -1.62
C VAL A 148 1.96 -6.61 -2.12
N SER A 149 0.74 -6.55 -2.62
CA SER A 149 0.01 -7.77 -3.00
C SER A 149 -0.29 -7.85 -4.50
N GLY A 150 -0.58 -9.06 -4.97
CA GLY A 150 -1.12 -9.26 -6.31
C GLY A 150 -0.69 -10.57 -6.91
N GLU A 151 -1.28 -10.89 -8.07
CA GLU A 151 -0.98 -12.12 -8.83
C GLU A 151 0.46 -12.16 -9.35
N SER A 152 0.89 -13.34 -9.82
CA SER A 152 2.19 -13.48 -10.45
C SER A 152 2.27 -12.59 -11.67
N GLY A 153 3.27 -11.71 -11.70
CA GLY A 153 3.45 -10.74 -12.77
C GLY A 153 2.72 -9.42 -12.58
N ALA A 154 2.02 -9.27 -11.47
CA ALA A 154 1.31 -8.01 -11.17
C ALA A 154 2.22 -6.79 -10.95
N GLY A 155 3.44 -7.02 -10.47
CA GLY A 155 4.36 -5.94 -10.19
C GLY A 155 4.81 -5.78 -8.73
N LYS A 156 4.71 -6.84 -7.92
CA LYS A 156 5.06 -6.79 -6.47
C LYS A 156 6.55 -6.55 -6.25
N THR A 157 7.39 -7.38 -6.88
CA THR A 157 8.84 -7.32 -6.75
C THR A 157 9.40 -5.98 -7.23
N GLU A 158 8.95 -5.52 -8.41
CA GLU A 158 9.32 -4.20 -8.90
C GLU A 158 8.99 -3.09 -7.92
N ASN A 159 7.74 -3.03 -7.44
CA ASN A 159 7.35 -1.99 -6.48
C ASN A 159 8.05 -2.07 -5.11
N THR A 160 8.39 -3.28 -4.68
CA THR A 160 9.21 -3.49 -3.49
C THR A 160 10.60 -2.86 -3.69
N LYS A 161 11.19 -3.11 -4.85
CA LYS A 161 12.47 -2.51 -5.21
C LYS A 161 12.40 -0.98 -5.35
N PHE A 162 11.29 -0.43 -5.83
CA PHE A 162 11.08 1.03 -5.83
C PHE A 162 10.98 1.59 -4.41
N VAL A 163 10.37 0.83 -3.49
CA VAL A 163 10.28 1.21 -2.08
C VAL A 163 11.66 1.32 -1.47
N LEU A 164 12.50 0.33 -1.74
CA LEU A 164 13.81 0.24 -1.12
C LEU A 164 14.78 1.24 -1.76
N ARG A 165 14.62 1.50 -3.05
CA ARG A 165 15.35 2.58 -3.70
C ARG A 165 15.01 3.90 -3.05
N TYR A 166 13.73 4.22 -2.98
CA TYR A 166 13.29 5.46 -2.36
C TYR A 166 13.84 5.69 -0.93
N LEU A 167 13.78 4.66 -0.08
CA LEU A 167 14.12 4.83 1.33
C LEU A 167 15.61 5.03 1.55
N THR A 168 16.44 4.27 0.84
CA THR A 168 17.89 4.42 0.95
C THR A 168 18.38 5.75 0.37
N GLU A 169 17.85 6.14 -0.79
CA GLU A 169 18.23 7.42 -1.38
C GLU A 169 17.82 8.60 -0.52
N SER A 170 16.62 8.53 0.07
CA SER A 170 16.06 9.64 0.85
C SER A 170 16.57 9.71 2.28
N TYR A 171 16.63 8.56 2.94
CA TYR A 171 16.89 8.48 4.38
C TYR A 171 17.99 7.50 4.77
N GLY A 172 18.77 7.07 3.77
CA GLY A 172 19.89 6.16 3.99
C GLY A 172 21.12 6.88 4.50
N THR A 173 22.20 6.12 4.70
CA THR A 173 23.41 6.62 5.36
C THR A 173 24.31 7.47 4.47
N GLY A 174 24.27 7.21 3.16
CA GLY A 174 25.21 7.85 2.21
C GLY A 174 26.27 6.89 1.73
N GLN A 175 26.63 5.93 2.59
CA GLN A 175 27.59 4.85 2.31
C GLN A 175 26.77 3.56 2.24
N ASP A 176 27.30 2.43 2.74
CA ASP A 176 27.88 1.38 1.92
C ASP A 176 26.79 0.32 2.24
N ILE A 177 26.11 0.54 3.37
CA ILE A 177 24.93 -0.25 3.75
C ILE A 177 23.68 0.01 2.88
N ASP A 178 23.52 1.25 2.40
CA ASP A 178 22.47 1.60 1.45
C ASP A 178 22.56 0.75 0.20
N ASP A 179 23.79 0.54 -0.24
CA ASP A 179 24.08 -0.20 -1.46
C ASP A 179 23.75 -1.67 -1.27
N ARG A 180 24.01 -2.18 -0.07
CA ARG A 180 23.80 -3.58 0.22
C ARG A 180 22.32 -3.91 0.36
N ILE A 181 21.54 -2.93 0.78
CA ILE A 181 20.09 -3.06 0.89
C ILE A 181 19.46 -3.24 -0.50
N VAL A 182 19.93 -2.46 -1.47
CA VAL A 182 19.39 -2.53 -2.84
C VAL A 182 19.98 -3.68 -3.67
N GLU A 183 21.11 -4.25 -3.23
CA GLU A 183 21.73 -5.36 -3.96
C GLU A 183 21.34 -6.72 -3.42
N ALA A 184 20.73 -6.74 -2.23
CA ALA A 184 20.35 -7.99 -1.59
C ALA A 184 19.32 -8.77 -2.42
N ASN A 185 18.25 -8.12 -2.86
CA ASN A 185 17.19 -8.82 -3.60
C ASN A 185 17.59 -9.36 -4.98
N PRO A 186 18.22 -8.53 -5.82
CA PRO A 186 18.75 -9.05 -7.09
C PRO A 186 19.65 -10.28 -6.96
N LEU A 187 20.42 -10.35 -5.88
CA LEU A 187 21.18 -11.55 -5.57
C LEU A 187 20.27 -12.73 -5.19
N LEU A 188 19.24 -12.48 -4.37
CA LEU A 188 18.28 -13.53 -4.01
C LEU A 188 17.50 -14.01 -5.24
N GLU A 189 17.20 -13.10 -6.16
CA GLU A 189 16.50 -13.42 -7.41
C GLU A 189 17.24 -14.41 -8.30
N ALA A 190 18.58 -14.38 -8.27
CA ALA A 190 19.38 -15.36 -8.99
C ALA A 190 18.99 -16.78 -8.57
N PHE A 191 18.82 -16.98 -7.26
CA PHE A 191 18.61 -18.32 -6.71
C PHE A 191 17.13 -18.66 -6.48
N GLY A 192 16.28 -17.63 -6.46
CA GLY A 192 14.89 -17.80 -6.08
C GLY A 192 13.89 -17.44 -7.15
N ASN A 193 14.36 -16.83 -8.24
CA ASN A 193 13.50 -16.41 -9.33
C ASN A 193 13.64 -17.34 -10.53
N ALA A 194 12.61 -17.37 -11.37
CA ALA A 194 12.57 -18.26 -12.51
C ALA A 194 11.56 -17.75 -13.53
N LYS A 195 11.81 -18.09 -14.79
CA LYS A 195 10.88 -17.85 -15.87
C LYS A 195 9.71 -18.83 -15.77
N THR A 196 8.52 -18.26 -15.58
CA THR A 196 7.30 -19.02 -15.62
C THR A 196 6.42 -18.48 -16.73
N VAL A 197 5.28 -19.14 -16.92
CA VAL A 197 4.35 -18.80 -17.97
C VAL A 197 3.63 -17.46 -17.66
N ARG A 198 3.63 -17.06 -16.39
CA ARG A 198 3.00 -15.80 -15.95
C ARG A 198 4.00 -14.63 -15.82
N ASN A 199 5.26 -14.95 -15.55
CA ASN A 199 6.28 -13.92 -15.28
C ASN A 199 7.67 -14.39 -15.65
N ASN A 200 8.30 -13.64 -16.56
CA ASN A 200 9.68 -13.95 -16.97
C ASN A 200 10.70 -13.89 -15.85
N ASN A 201 10.37 -13.13 -14.80
CA ASN A 201 11.18 -13.02 -13.60
C ASN A 201 10.36 -13.34 -12.34
N SER A 202 9.67 -14.47 -12.33
CA SER A 202 8.80 -14.82 -11.20
C SER A 202 9.57 -15.18 -9.95
N SER A 203 9.12 -14.63 -8.82
CA SER A 203 9.65 -14.97 -7.51
C SER A 203 9.03 -16.29 -7.11
N ARG A 204 9.86 -17.30 -6.89
CA ARG A 204 9.33 -18.59 -6.49
C ARG A 204 9.49 -18.78 -5.00
N PHE A 205 9.52 -17.65 -4.28
CA PHE A 205 9.51 -17.61 -2.82
C PHE A 205 8.84 -16.31 -2.36
N GLY A 206 8.33 -16.28 -1.13
CA GLY A 206 7.81 -15.05 -0.54
C GLY A 206 8.88 -14.37 0.30
N LYS A 207 8.78 -13.06 0.46
CA LYS A 207 9.77 -12.37 1.29
C LYS A 207 9.21 -11.22 2.06
N PHE A 208 9.80 -11.01 3.24
CA PHE A 208 9.60 -9.82 4.04
C PHE A 208 10.99 -9.21 4.20
N VAL A 209 11.17 -8.00 3.70
CA VAL A 209 12.46 -7.33 3.72
C VAL A 209 12.38 -6.16 4.70
N GLU A 210 13.16 -6.22 5.77
CA GLU A 210 13.15 -5.17 6.81
C GLU A 210 14.36 -4.26 6.69
N ILE A 211 14.13 -2.96 6.80
CA ILE A 211 15.21 -1.99 7.02
C ILE A 211 15.12 -1.54 8.47
N HIS A 212 16.20 -1.74 9.20
CA HIS A 212 16.26 -1.40 10.62
C HIS A 212 16.91 -0.03 10.86
N PHE A 213 16.39 0.68 11.85
CA PHE A 213 16.80 2.04 12.16
C PHE A 213 17.16 2.13 13.64
N ASN A 214 17.94 3.15 14.00
CA ASN A 214 18.18 3.43 15.41
C ASN A 214 17.18 4.47 15.93
N GLU A 215 17.30 4.80 17.21
CA GLU A 215 16.45 5.78 17.89
C GLU A 215 16.41 7.12 17.15
N LYS A 216 17.48 7.42 16.43
CA LYS A 216 17.55 8.63 15.60
C LYS A 216 17.01 8.41 14.17
N SER A 217 16.45 7.23 13.92
CA SER A 217 15.83 6.86 12.63
C SER A 217 16.85 6.97 11.47
N SER A 218 18.01 6.43 11.79
CA SER A 218 19.12 6.27 10.90
C SER A 218 19.31 4.77 10.70
N VAL A 219 19.62 4.37 9.47
CA VAL A 219 19.75 2.96 9.09
C VAL A 219 20.94 2.28 9.77
N VAL A 220 20.68 1.19 10.46
CA VAL A 220 21.70 0.39 11.12
C VAL A 220 21.80 -1.04 10.55
N GLY A 221 20.84 -1.42 9.72
CA GLY A 221 20.84 -2.78 9.15
C GLY A 221 19.61 -3.20 8.36
N GLY A 222 19.62 -4.47 7.96
CA GLY A 222 18.51 -5.04 7.21
C GLY A 222 18.32 -6.50 7.60
N PHE A 223 17.13 -7.03 7.30
CA PHE A 223 16.83 -8.43 7.55
C PHE A 223 15.74 -8.96 6.61
N VAL A 224 16.03 -10.08 5.97
CA VAL A 224 15.15 -10.69 4.99
C VAL A 224 14.67 -12.03 5.52
N SER A 225 13.34 -12.23 5.51
CA SER A 225 12.73 -13.52 5.82
C SER A 225 12.21 -14.08 4.51
N HIS A 226 12.30 -15.39 4.37
CA HIS A 226 11.87 -16.03 3.16
C HIS A 226 10.92 -17.22 3.42
N TYR A 227 9.97 -17.42 2.51
CA TYR A 227 8.88 -18.39 2.68
C TYR A 227 8.67 -19.25 1.44
N LEU A 228 8.53 -20.56 1.65
CA LEU A 228 7.96 -21.46 0.63
C LEU A 228 8.71 -21.50 -0.71
N LEU A 229 10.02 -21.72 -0.69
CA LEU A 229 10.75 -21.89 -1.96
C LEU A 229 10.19 -23.06 -2.77
N GLU A 230 9.87 -22.83 -4.04
CA GLU A 230 9.28 -23.87 -4.88
C GLU A 230 10.27 -25.00 -5.16
N LYS A 231 10.17 -26.08 -4.39
CA LYS A 231 11.13 -27.19 -4.47
C LYS A 231 11.07 -27.97 -5.77
N SER A 232 9.86 -28.16 -6.30
CA SER A 232 9.64 -29.00 -7.48
C SER A 232 10.31 -28.48 -8.76
N ARG A 233 10.48 -27.16 -8.86
CA ARG A 233 11.12 -26.53 -10.03
C ARG A 233 12.59 -26.89 -10.20
N ILE A 234 13.24 -27.33 -9.13
CA ILE A 234 14.66 -27.68 -9.16
C ILE A 234 14.93 -28.82 -10.16
N CYS A 235 13.99 -29.76 -10.23
CA CYS A 235 14.17 -30.98 -11.04
C CYS A 235 13.41 -30.97 -12.35
N VAL A 236 12.14 -30.56 -12.28
CA VAL A 236 11.31 -30.54 -13.47
C VAL A 236 10.54 -29.23 -13.58
N GLN A 237 10.37 -28.76 -14.81
CA GLN A 237 9.63 -27.55 -15.08
C GLN A 237 8.71 -27.70 -16.30
N GLY A 238 7.70 -26.85 -16.38
CA GLY A 238 6.71 -26.88 -17.46
C GLY A 238 7.29 -26.49 -18.79
N LYS A 239 6.52 -26.71 -19.86
CA LYS A 239 7.01 -26.65 -21.24
C LYS A 239 7.64 -25.31 -21.61
N GLU A 240 7.02 -24.23 -21.12
CA GLU A 240 7.43 -22.88 -21.50
C GLU A 240 8.09 -22.19 -20.32
N GLU A 241 8.72 -22.98 -19.45
CA GLU A 241 9.30 -22.50 -18.20
C GLU A 241 10.76 -22.90 -18.04
N ARG A 242 11.42 -22.34 -17.04
CA ARG A 242 12.84 -22.60 -16.77
C ARG A 242 13.05 -22.91 -15.30
N ASN A 243 14.19 -23.53 -15.00
CA ASN A 243 14.68 -23.68 -13.65
C ASN A 243 15.08 -22.29 -13.16
N TYR A 244 15.62 -22.21 -11.94
CA TYR A 244 16.07 -20.93 -11.36
C TYR A 244 17.18 -20.28 -12.20
N HIS A 245 17.15 -18.95 -12.27
CA HIS A 245 18.05 -18.16 -13.11
C HIS A 245 19.55 -18.51 -12.99
N ILE A 246 20.02 -18.66 -11.75
CA ILE A 246 21.42 -19.02 -11.46
C ILE A 246 21.98 -20.08 -12.41
N PHE A 247 21.24 -21.17 -12.60
CA PHE A 247 21.66 -22.27 -13.46
C PHE A 247 22.04 -21.79 -14.86
N TYR A 248 21.19 -20.96 -15.46
CA TYR A 248 21.42 -20.48 -16.82
C TYR A 248 22.45 -19.35 -16.87
N ARG A 249 22.54 -18.57 -15.80
CA ARG A 249 23.50 -17.48 -15.73
C ARG A 249 24.92 -18.00 -15.61
N LEU A 250 25.07 -19.08 -14.86
CA LEU A 250 26.35 -19.72 -14.65
C LEU A 250 26.82 -20.37 -15.95
N CYS A 251 25.95 -21.16 -16.57
CA CYS A 251 26.25 -21.76 -17.84
C CYS A 251 26.64 -20.73 -18.91
N ALA A 252 25.89 -19.63 -18.99
CA ALA A 252 26.13 -18.61 -20.02
C ALA A 252 27.35 -17.71 -19.78
N GLY A 253 27.53 -17.23 -18.55
CA GLY A 253 28.47 -16.15 -18.28
C GLY A 253 29.80 -16.48 -17.62
N ALA A 254 29.94 -17.70 -17.10
CA ALA A 254 31.18 -18.09 -16.41
C ALA A 254 32.41 -18.03 -17.33
N SER A 255 33.53 -17.62 -16.76
CA SER A 255 34.82 -17.65 -17.47
C SER A 255 35.24 -19.09 -17.75
N GLU A 256 36.08 -19.27 -18.80
CA GLU A 256 36.60 -20.58 -19.20
C GLU A 256 37.23 -21.36 -18.04
N ASP A 257 37.87 -20.62 -17.12
CA ASP A 257 38.49 -21.21 -15.94
C ASP A 257 37.47 -21.89 -15.02
N ILE A 258 36.44 -21.13 -14.62
CA ILE A 258 35.32 -21.65 -13.83
C ILE A 258 34.58 -22.76 -14.58
N ARG A 259 34.43 -22.57 -15.90
CA ARG A 259 33.76 -23.54 -16.78
C ARG A 259 34.43 -24.92 -16.77
N GLU A 260 35.77 -24.95 -16.78
CA GLU A 260 36.54 -26.18 -16.73
C GLU A 260 36.50 -26.83 -15.35
N ARG A 261 36.61 -26.00 -14.31
CA ARG A 261 36.54 -26.47 -12.92
C ARG A 261 35.19 -27.13 -12.58
N LEU A 262 34.12 -26.63 -13.19
CA LEU A 262 32.76 -27.07 -12.85
C LEU A 262 32.12 -27.98 -13.89
N HIS A 263 32.85 -28.20 -14.99
CA HIS A 263 32.45 -29.11 -16.07
C HIS A 263 31.12 -28.70 -16.74
N LEU A 264 31.03 -27.42 -17.08
CA LEU A 264 29.79 -26.83 -17.60
C LEU A 264 29.73 -26.68 -19.11
N SER A 265 28.52 -26.81 -19.64
CA SER A 265 28.23 -26.73 -21.08
C SER A 265 27.05 -25.80 -21.28
N SER A 266 26.37 -25.93 -22.42
CA SER A 266 25.10 -25.23 -22.63
C SER A 266 24.01 -25.93 -21.81
N PRO A 267 22.97 -25.19 -21.38
CA PRO A 267 21.84 -25.74 -20.61
C PRO A 267 21.20 -27.00 -21.20
N ASP A 268 21.27 -27.15 -22.52
CA ASP A 268 20.68 -28.31 -23.22
C ASP A 268 21.41 -29.64 -22.90
N ASN A 269 22.56 -29.52 -22.22
CA ASN A 269 23.32 -30.69 -21.77
C ASN A 269 22.90 -31.16 -20.36
N PHE A 270 21.87 -30.53 -19.79
CA PHE A 270 21.42 -30.86 -18.44
C PHE A 270 19.91 -31.13 -18.38
N ARG A 271 19.55 -32.29 -17.84
CA ARG A 271 18.15 -32.72 -17.73
C ARG A 271 17.32 -31.77 -16.86
N TYR A 272 17.96 -31.18 -15.85
CA TYR A 272 17.29 -30.26 -14.94
C TYR A 272 16.97 -28.89 -15.58
N LEU A 273 17.46 -28.63 -16.79
CA LEU A 273 17.28 -27.32 -17.43
C LEU A 273 16.41 -27.34 -18.68
N PRO A 282 14.94 -14.90 -27.17
CA PRO A 282 14.51 -14.61 -25.80
C PRO A 282 14.86 -13.20 -25.35
N LEU A 283 14.03 -12.66 -24.45
CA LEU A 283 14.36 -11.43 -23.74
C LEU A 283 15.11 -11.70 -22.42
N LEU A 284 15.70 -12.90 -22.32
CA LEU A 284 16.45 -13.27 -21.12
C LEU A 284 17.96 -13.17 -21.38
N ASP A 285 18.60 -12.23 -20.70
CA ASP A 285 20.01 -11.94 -20.88
C ASP A 285 20.83 -12.58 -19.75
N ASP A 286 21.07 -13.88 -19.89
CA ASP A 286 21.73 -14.67 -18.84
C ASP A 286 23.20 -14.30 -18.67
N HIS A 287 23.84 -13.98 -19.79
CA HIS A 287 25.22 -13.54 -19.81
C HIS A 287 25.34 -12.21 -19.07
N GLY A 288 24.53 -11.23 -19.47
CA GLY A 288 24.49 -9.93 -18.80
C GLY A 288 24.14 -10.01 -17.32
N ASP A 289 23.16 -10.87 -16.99
CA ASP A 289 22.68 -11.05 -15.61
C ASP A 289 23.71 -11.70 -14.69
N PHE A 290 24.48 -12.64 -15.23
CA PHE A 290 25.60 -13.21 -14.49
C PHE A 290 26.59 -12.10 -14.09
N ILE A 291 26.94 -11.25 -15.04
CA ILE A 291 27.80 -10.09 -14.79
C ILE A 291 27.23 -9.25 -13.64
N ARG A 292 25.96 -8.84 -13.77
CA ARG A 292 25.25 -8.08 -12.70
C ARG A 292 25.23 -8.79 -11.36
N MET A 293 25.10 -10.12 -11.38
CA MET A 293 25.10 -10.93 -10.16
C MET A 293 26.45 -10.90 -9.43
N CYS A 294 27.53 -11.13 -10.19
CA CYS A 294 28.89 -11.01 -9.67
C CYS A 294 29.16 -9.62 -9.08
N THR A 295 28.67 -8.60 -9.76
CA THR A 295 28.71 -7.23 -9.26
C THR A 295 28.09 -7.13 -7.88
N ALA A 296 26.86 -7.65 -7.76
CA ALA A 296 26.11 -7.60 -6.50
C ALA A 296 26.85 -8.36 -5.41
N MET A 297 27.40 -9.52 -5.78
CA MET A 297 28.12 -10.37 -4.84
C MET A 297 29.35 -9.68 -4.24
N LYS A 298 30.15 -9.06 -5.09
CA LYS A 298 31.33 -8.31 -4.66
C LYS A 298 30.93 -7.13 -3.78
N LYS A 299 29.88 -6.45 -4.19
CA LYS A 299 29.39 -5.26 -3.51
C LYS A 299 28.90 -5.53 -2.09
N ILE A 300 28.37 -6.72 -1.85
CA ILE A 300 27.83 -7.06 -0.53
C ILE A 300 28.85 -7.76 0.37
N GLY A 301 30.02 -8.06 -0.20
CA GLY A 301 31.16 -8.55 0.57
C GLY A 301 31.47 -10.02 0.44
N LEU A 302 30.93 -10.67 -0.58
CA LEU A 302 31.31 -12.05 -0.86
C LEU A 302 32.66 -12.07 -1.57
N ASP A 303 33.61 -12.82 -1.03
CA ASP A 303 34.87 -13.03 -1.74
C ASP A 303 34.70 -14.15 -2.76
N ASP A 304 35.69 -14.31 -3.65
CA ASP A 304 35.61 -15.29 -4.73
C ASP A 304 35.54 -16.74 -4.25
N GLU A 305 36.07 -17.00 -3.05
CA GLU A 305 36.04 -18.34 -2.48
C GLU A 305 34.59 -18.79 -2.23
N GLU A 306 33.82 -17.91 -1.58
CA GLU A 306 32.42 -18.19 -1.25
C GLU A 306 31.59 -18.28 -2.51
N LYS A 307 31.79 -17.30 -3.39
CA LYS A 307 31.17 -17.24 -4.70
C LYS A 307 31.34 -18.56 -5.47
N LEU A 308 32.54 -19.13 -5.41
CA LEU A 308 32.84 -20.42 -6.03
C LEU A 308 32.27 -21.61 -5.24
N ASP A 309 32.28 -21.52 -3.91
CA ASP A 309 31.58 -22.52 -3.09
C ASP A 309 30.10 -22.62 -3.50
N LEU A 310 29.45 -21.47 -3.72
CA LEU A 310 28.07 -21.41 -4.22
C LEU A 310 27.95 -22.04 -5.61
N PHE A 311 28.89 -21.69 -6.49
CA PHE A 311 28.89 -22.18 -7.87
C PHE A 311 29.06 -23.69 -7.97
N ARG A 312 29.94 -24.26 -7.14
CA ARG A 312 30.20 -25.70 -7.14
C ARG A 312 28.98 -26.53 -6.77
N VAL A 313 28.22 -26.05 -5.78
CA VAL A 313 26.98 -26.72 -5.33
C VAL A 313 25.92 -26.68 -6.42
N VAL A 314 25.73 -25.50 -7.02
CA VAL A 314 24.85 -25.32 -8.17
C VAL A 314 25.23 -26.30 -9.28
N ALA A 315 26.52 -26.34 -9.64
CA ALA A 315 27.01 -27.24 -10.69
C ALA A 315 26.88 -28.70 -10.27
N GLY A 316 27.12 -28.96 -8.98
CA GLY A 316 26.94 -30.30 -8.42
C GLY A 316 25.52 -30.82 -8.57
N VAL A 317 24.54 -29.94 -8.41
CA VAL A 317 23.11 -30.27 -8.55
C VAL A 317 22.76 -30.54 -10.01
N LEU A 318 23.33 -29.74 -10.91
CA LEU A 318 23.16 -29.94 -12.35
C LEU A 318 23.60 -31.31 -12.84
N HIS A 319 24.83 -31.70 -12.46
CA HIS A 319 25.39 -33.01 -12.85
C HIS A 319 24.67 -34.17 -12.18
N LEU A 320 24.24 -33.96 -10.93
CA LEU A 320 23.44 -34.95 -10.23
C LEU A 320 22.20 -35.30 -11.04
N GLY A 321 21.60 -34.29 -11.67
CA GLY A 321 20.41 -34.50 -12.49
C GLY A 321 20.66 -35.22 -13.79
N ASN A 322 21.93 -35.39 -14.15
CA ASN A 322 22.30 -36.06 -15.40
C ASN A 322 22.53 -37.58 -15.23
N ILE A 323 22.48 -38.04 -13.98
CA ILE A 323 22.59 -39.45 -13.68
C ILE A 323 21.26 -40.13 -13.96
N ASP A 324 21.18 -40.88 -15.06
CA ASP A 324 19.99 -41.72 -15.29
C ASP A 324 20.33 -43.22 -15.25
N PHE A 325 19.31 -44.04 -15.01
CA PHE A 325 19.54 -45.42 -14.55
C PHE A 325 19.22 -46.52 -15.58
N SER A 341 25.80 -41.07 -17.93
CA SER A 341 25.58 -41.16 -16.48
C SER A 341 26.86 -41.32 -15.69
N THR A 342 27.72 -42.24 -16.13
CA THR A 342 29.01 -42.53 -15.48
C THR A 342 29.84 -41.26 -15.32
N GLN A 343 29.87 -40.45 -16.37
CA GLN A 343 30.61 -39.18 -16.36
C GLN A 343 29.93 -38.16 -15.43
N ALA A 344 28.61 -38.11 -15.45
CA ALA A 344 27.82 -37.23 -14.58
C ALA A 344 28.01 -37.59 -13.11
N LEU A 345 28.11 -38.89 -12.84
CA LEU A 345 28.39 -39.42 -11.51
C LEU A 345 29.76 -38.98 -11.01
N GLU A 346 30.74 -38.97 -11.92
CA GLU A 346 32.10 -38.53 -11.62
C GLU A 346 32.14 -37.06 -11.24
N TYR A 347 31.51 -36.23 -12.07
CA TYR A 347 31.44 -34.78 -11.88
C TYR A 347 30.69 -34.38 -10.60
N CYS A 348 29.53 -35.01 -10.38
CA CYS A 348 28.68 -34.73 -9.23
C CYS A 348 29.37 -35.07 -7.90
N ALA A 349 29.88 -36.29 -7.79
CA ALA A 349 30.56 -36.74 -6.58
C ALA A 349 31.78 -35.87 -6.26
N GLU A 350 32.48 -35.46 -7.32
CA GLU A 350 33.66 -34.60 -7.21
C GLU A 350 33.30 -33.23 -6.63
N LEU A 351 32.33 -32.56 -7.24
CA LEU A 351 31.93 -31.21 -6.86
C LEU A 351 31.25 -31.15 -5.50
N LEU A 352 30.48 -32.18 -5.17
CA LEU A 352 29.80 -32.28 -3.88
C LEU A 352 30.66 -32.95 -2.82
N GLY A 353 31.89 -33.30 -3.19
CA GLY A 353 32.87 -33.83 -2.25
C GLY A 353 32.54 -35.20 -1.69
N LEU A 354 32.08 -36.09 -2.57
CA LEU A 354 31.68 -37.43 -2.17
C LEU A 354 32.48 -38.48 -2.96
N ASP A 355 32.55 -39.70 -2.43
CA ASP A 355 33.12 -40.82 -3.16
C ASP A 355 32.05 -41.35 -4.12
N GLN A 356 32.40 -41.44 -5.40
CA GLN A 356 31.47 -41.91 -6.46
C GLN A 356 30.64 -43.10 -6.00
N ASP A 357 31.34 -44.11 -5.48
CA ASP A 357 30.74 -45.37 -5.05
C ASP A 357 29.73 -45.18 -3.92
N ASP A 358 30.06 -44.33 -2.95
CA ASP A 358 29.13 -43.95 -1.88
C ASP A 358 27.82 -43.39 -2.46
N LEU A 359 27.94 -42.54 -3.48
CA LEU A 359 26.79 -41.92 -4.14
C LEU A 359 25.96 -42.90 -4.96
N ARG A 360 26.63 -43.71 -5.79
CA ARG A 360 25.94 -44.71 -6.61
C ARG A 360 25.10 -45.65 -5.75
N VAL A 361 25.71 -46.14 -4.68
CA VAL A 361 25.05 -47.04 -3.72
C VAL A 361 23.83 -46.36 -3.10
N SER A 362 24.00 -45.10 -2.68
CA SER A 362 22.93 -44.31 -2.06
C SER A 362 21.70 -44.14 -2.94
N LEU A 363 21.93 -44.03 -4.25
CA LEU A 363 20.84 -43.82 -5.21
C LEU A 363 20.23 -45.12 -5.72
N THR A 364 20.74 -46.26 -5.24
CA THR A 364 20.29 -47.56 -5.75
C THR A 364 19.97 -48.63 -4.67
N THR A 365 20.39 -48.38 -3.43
CA THR A 365 20.15 -49.30 -2.30
C THR A 365 18.66 -49.46 -2.01
N PRO A 383 18.25 -52.53 -2.96
CA PRO A 383 17.55 -52.88 -4.20
C PRO A 383 16.41 -51.90 -4.55
N LEU A 384 16.67 -50.94 -5.44
CA LEU A 384 15.67 -49.95 -5.84
C LEU A 384 15.29 -50.03 -7.32
N LYS A 385 14.02 -49.77 -7.62
CA LYS A 385 13.52 -49.66 -9.00
C LYS A 385 13.98 -48.35 -9.64
N VAL A 386 13.81 -48.25 -10.96
CA VAL A 386 14.21 -47.04 -11.71
C VAL A 386 13.54 -45.77 -11.16
N GLU A 387 12.22 -45.84 -10.94
CA GLU A 387 11.45 -44.72 -10.38
C GLU A 387 11.93 -44.30 -9.00
N GLN A 388 12.24 -45.28 -8.16
CA GLN A 388 12.75 -45.03 -6.81
C GLN A 388 14.15 -44.41 -6.85
N ALA A 389 14.91 -44.73 -7.89
CA ALA A 389 16.26 -44.21 -8.08
C ALA A 389 16.24 -42.76 -8.55
N ASN A 390 15.32 -42.46 -9.47
CA ASN A 390 15.09 -41.10 -9.93
C ASN A 390 14.70 -40.18 -8.78
N ASN A 391 13.76 -40.65 -7.95
CA ASN A 391 13.22 -39.87 -6.84
C ASN A 391 14.23 -39.65 -5.70
N ALA A 392 15.18 -40.58 -5.56
CA ALA A 392 16.28 -40.43 -4.61
C ALA A 392 17.24 -39.33 -5.05
N ARG A 393 17.60 -39.38 -6.33
CA ARG A 393 18.45 -38.38 -6.97
C ARG A 393 17.80 -36.98 -6.95
N ASP A 394 16.50 -36.95 -7.21
CA ASP A 394 15.71 -35.72 -7.21
C ASP A 394 15.56 -35.13 -5.82
N ALA A 395 15.25 -35.98 -4.83
CA ALA A 395 15.11 -35.52 -3.44
C ALA A 395 16.42 -34.97 -2.87
N LEU A 396 17.55 -35.55 -3.27
CA LEU A 396 18.86 -35.04 -2.86
C LEU A 396 19.13 -33.70 -3.51
N ALA A 397 18.83 -33.59 -4.80
CA ALA A 397 19.04 -32.35 -5.54
C ALA A 397 18.22 -31.19 -4.93
N LYS A 398 16.95 -31.48 -4.66
CA LYS A 398 16.05 -30.52 -4.02
C LYS A 398 16.55 -30.10 -2.64
N THR A 399 16.95 -31.06 -1.81
CA THR A 399 17.36 -30.76 -0.44
C THR A 399 18.64 -29.91 -0.45
N VAL A 400 19.58 -30.27 -1.31
CA VAL A 400 20.85 -29.56 -1.41
C VAL A 400 20.59 -28.12 -1.86
N TYR A 401 19.79 -27.96 -2.91
CA TYR A 401 19.51 -26.63 -3.43
C TYR A 401 18.80 -25.74 -2.43
N SER A 402 17.79 -26.29 -1.77
CA SER A 402 16.97 -25.55 -0.82
C SER A 402 17.82 -25.05 0.34
N HIS A 403 18.71 -25.91 0.82
CA HIS A 403 19.68 -25.56 1.86
C HIS A 403 20.71 -24.54 1.38
N LEU A 404 21.02 -24.54 0.08
CA LEU A 404 21.85 -23.49 -0.52
C LEU A 404 21.14 -22.14 -0.52
N PHE A 405 19.86 -22.14 -0.89
CA PHE A 405 19.05 -20.93 -0.82
C PHE A 405 18.93 -20.37 0.60
N ASP A 406 18.67 -21.22 1.60
CA ASP A 406 18.75 -20.82 3.01
C ASP A 406 20.12 -20.20 3.34
N HIS A 407 21.20 -20.82 2.86
CA HIS A 407 22.54 -20.28 3.09
C HIS A 407 22.74 -18.90 2.48
N VAL A 408 22.29 -18.72 1.23
CA VAL A 408 22.34 -17.44 0.52
C VAL A 408 21.51 -16.36 1.20
N VAL A 409 20.29 -16.70 1.63
CA VAL A 409 19.49 -15.73 2.40
C VAL A 409 20.17 -15.36 3.72
N ASN A 410 20.70 -16.33 4.44
CA ASN A 410 21.44 -16.02 5.67
C ASN A 410 22.70 -15.19 5.40
N ARG A 411 23.44 -15.57 4.36
CA ARG A 411 24.66 -14.86 3.97
C ARG A 411 24.38 -13.41 3.66
N VAL A 412 23.25 -13.14 3.01
CA VAL A 412 22.80 -11.79 2.74
C VAL A 412 22.49 -11.02 4.04
N ASN A 413 21.87 -11.68 5.01
CA ASN A 413 21.58 -11.02 6.30
C ASN A 413 22.86 -10.72 7.09
N GLN A 414 23.90 -11.50 6.82
CA GLN A 414 25.21 -11.32 7.43
C GLN A 414 25.95 -10.09 6.92
N CYS A 415 25.44 -9.50 5.83
CA CYS A 415 26.11 -8.36 5.20
C CYS A 415 25.62 -6.99 5.70
N PHE A 416 24.43 -6.96 6.28
CA PHE A 416 23.94 -5.77 6.98
C PHE A 416 23.38 -6.13 8.37
N PRO A 417 24.21 -6.76 9.22
CA PRO A 417 23.74 -7.20 10.53
C PRO A 417 23.65 -6.04 11.49
N PHE A 418 22.98 -6.25 12.61
CA PHE A 418 22.86 -5.25 13.65
C PHE A 418 22.73 -5.93 15.02
N GLU A 419 23.32 -5.30 16.04
CA GLU A 419 23.18 -5.79 17.41
C GLU A 419 21.81 -5.40 17.96
N THR A 420 21.44 -4.14 17.78
CA THR A 420 20.17 -3.63 18.26
C THR A 420 19.57 -2.66 17.25
N SER A 421 18.26 -2.44 17.33
CA SER A 421 17.59 -1.38 16.58
C SER A 421 16.38 -0.93 17.35
N SER A 422 15.81 0.20 16.96
CA SER A 422 14.64 0.75 17.63
C SER A 422 13.34 0.46 16.87
N TYR A 423 13.40 0.58 15.54
CA TYR A 423 12.24 0.37 14.65
C TYR A 423 12.73 -0.20 13.32
N PHE A 424 11.79 -0.72 12.53
CA PHE A 424 12.06 -1.15 11.17
C PHE A 424 10.94 -0.71 10.22
N ILE A 425 11.25 -0.69 8.93
CA ILE A 425 10.24 -0.58 7.91
C ILE A 425 10.36 -1.85 7.11
N GLY A 426 9.29 -2.63 7.10
CA GLY A 426 9.29 -3.92 6.43
C GLY A 426 8.36 -3.95 5.23
N VAL A 427 8.81 -4.60 4.17
CA VAL A 427 8.05 -4.65 2.92
C VAL A 427 7.77 -6.10 2.62
N LEU A 428 6.48 -6.46 2.56
CA LEU A 428 6.06 -7.83 2.31
C LEU A 428 5.77 -8.03 0.84
N ASP A 429 6.45 -9.01 0.25
CA ASP A 429 6.33 -9.34 -1.17
C ASP A 429 6.01 -10.84 -1.32
N ILE A 430 4.73 -11.18 -1.31
CA ILE A 430 4.29 -12.57 -1.52
C ILE A 430 3.04 -12.63 -2.40
N ALA A 431 2.98 -13.65 -3.26
CA ALA A 431 1.82 -13.85 -4.17
C ALA A 431 0.57 -14.16 -3.38
N GLY A 432 -0.57 -13.78 -3.93
CA GLY A 432 -1.86 -14.09 -3.33
C GLY A 432 -2.68 -15.03 -4.21
N PHE A 433 -4.00 -15.00 -4.03
CA PHE A 433 -4.90 -15.83 -4.82
C PHE A 433 -4.89 -15.46 -6.30
N GLU A 434 -4.93 -16.50 -7.12
CA GLU A 434 -4.76 -16.38 -8.53
C GLU A 434 -5.36 -17.64 -9.14
N TYR A 435 -5.89 -17.52 -10.37
CA TYR A 435 -6.46 -18.67 -11.06
C TYR A 435 -5.41 -19.70 -11.49
N PHE A 436 -5.66 -20.95 -11.13
CA PHE A 436 -4.94 -22.11 -11.64
C PHE A 436 -6.02 -23.10 -12.07
N GLU A 437 -5.80 -23.83 -13.16
CA GLU A 437 -6.82 -24.83 -13.53
C GLU A 437 -6.80 -26.06 -12.63
N HIS A 438 -5.62 -26.38 -12.12
CA HIS A 438 -5.45 -27.35 -11.04
C HIS A 438 -4.86 -26.71 -9.75
N ASN A 439 -5.61 -26.79 -8.66
CA ASN A 439 -5.14 -26.30 -7.36
C ASN A 439 -4.66 -27.47 -6.52
N SER A 440 -3.35 -27.49 -6.29
CA SER A 440 -2.71 -28.52 -5.48
C SER A 440 -2.23 -27.94 -4.13
N PHE A 441 -1.22 -28.56 -3.52
CA PHE A 441 -0.78 -28.18 -2.18
C PHE A 441 -0.10 -26.80 -2.11
N GLU A 442 0.69 -26.48 -3.14
CA GLU A 442 1.28 -25.16 -3.31
C GLU A 442 0.25 -24.03 -3.27
N GLN A 443 -0.86 -24.21 -3.98
CA GLN A 443 -1.96 -23.24 -3.97
C GLN A 443 -2.67 -23.22 -2.60
N PHE A 444 -2.79 -24.39 -1.98
CA PHE A 444 -3.39 -24.51 -0.66
C PHE A 444 -2.63 -23.61 0.32
N CYS A 445 -1.30 -23.72 0.34
CA CYS A 445 -0.41 -22.94 1.23
C CYS A 445 -0.46 -21.45 0.96
N ILE A 446 -0.51 -21.08 -0.31
CA ILE A 446 -0.58 -19.66 -0.70
C ILE A 446 -1.95 -19.05 -0.39
N ASN A 447 -3.02 -19.82 -0.60
CA ASN A 447 -4.36 -19.31 -0.31
C ASN A 447 -4.62 -19.20 1.20
N TYR A 448 -4.01 -20.09 1.97
CA TYR A 448 -4.02 -20.01 3.43
C TYR A 448 -3.32 -18.73 3.93
N CYS A 449 -2.14 -18.45 3.38
CA CYS A 449 -1.44 -17.18 3.61
C CYS A 449 -2.30 -15.95 3.28
N ASN A 450 -2.97 -16.00 2.13
CA ASN A 450 -3.89 -14.94 1.73
C ASN A 450 -5.04 -14.72 2.70
N GLU A 451 -5.59 -15.79 3.27
CA GLU A 451 -6.66 -15.66 4.29
C GLU A 451 -6.17 -14.82 5.50
N LYS A 452 -4.99 -15.17 6.03
CA LYS A 452 -4.41 -14.49 7.18
C LYS A 452 -4.04 -13.04 6.88
N LEU A 453 -3.54 -12.77 5.66
CA LEU A 453 -3.11 -11.43 5.28
C LEU A 453 -4.27 -10.53 4.93
N GLN A 454 -5.27 -11.14 4.30
CA GLN A 454 -6.54 -10.45 4.01
C GLN A 454 -7.27 -10.03 5.30
N GLN A 455 -7.24 -10.89 6.30
CA GLN A 455 -7.79 -10.54 7.62
C GLN A 455 -7.09 -9.32 8.22
N PHE A 456 -5.77 -9.30 8.17
CA PHE A 456 -4.97 -8.17 8.61
C PHE A 456 -5.38 -6.87 7.88
N PHE A 457 -5.48 -6.97 6.56
CA PHE A 457 -5.94 -5.88 5.71
C PHE A 457 -7.33 -5.40 6.11
N ASN A 458 -8.26 -6.34 6.29
CA ASN A 458 -9.62 -5.99 6.70
C ASN A 458 -9.63 -5.22 8.04
N GLU A 459 -8.92 -5.76 9.02
CA GLU A 459 -8.81 -5.16 10.37
C GLU A 459 -8.21 -3.74 10.29
N ARG A 460 -7.10 -3.61 9.63
CA ARG A 460 -6.46 -2.35 9.40
C ARG A 460 -7.20 -1.32 8.64
N ILE A 461 -7.83 -1.70 7.55
CA ILE A 461 -8.69 -0.75 6.82
C ILE A 461 -9.88 -0.28 7.67
N LEU A 462 -10.51 -1.19 8.41
CA LEU A 462 -11.57 -0.80 9.35
C LEU A 462 -11.07 0.22 10.40
N LYS A 463 -9.92 -0.06 11.00
CA LYS A 463 -9.29 0.82 12.01
C LYS A 463 -9.02 2.21 11.43
N GLU A 464 -8.43 2.26 10.23
CA GLU A 464 -8.17 3.54 9.56
C GLU A 464 -9.42 4.37 9.34
N GLU A 465 -10.50 3.72 8.93
CA GLU A 465 -11.77 4.40 8.73
C GLU A 465 -12.41 4.88 10.04
N GLN A 466 -12.36 4.05 11.09
CA GLN A 466 -12.90 4.43 12.41
C GLN A 466 -12.24 5.69 12.94
N GLU A 467 -10.91 5.72 12.87
CA GLU A 467 -10.09 6.85 13.30
C GLU A 467 -10.43 8.12 12.55
N LEU A 468 -10.76 7.98 11.26
CA LEU A 468 -11.19 9.11 10.45
C LEU A 468 -12.54 9.65 10.90
N TYR A 469 -13.53 8.77 11.04
CA TYR A 469 -14.88 9.17 11.46
C TYR A 469 -14.92 9.78 12.85
N GLN A 470 -14.05 9.30 13.75
CA GLN A 470 -13.96 9.84 15.10
C GLN A 470 -13.27 11.20 15.12
N LYS A 471 -12.14 11.30 14.42
CA LYS A 471 -11.38 12.54 14.32
C LYS A 471 -12.22 13.67 13.72
N GLU A 472 -13.05 13.31 12.73
CA GLU A 472 -13.84 14.28 11.97
C GLU A 472 -15.28 14.43 12.47
N GLY A 473 -15.70 13.56 13.38
CA GLY A 473 -17.04 13.64 13.98
C GLY A 473 -18.15 13.15 13.06
N LEU A 474 -17.87 12.09 12.32
CA LEU A 474 -18.83 11.54 11.36
C LEU A 474 -19.72 10.47 11.98
N GLY A 475 -19.26 9.86 13.08
CA GLY A 475 -20.03 8.86 13.81
C GLY A 475 -20.10 7.50 13.13
N TYR A 481 -18.31 -6.51 10.89
CA TYR A 481 -17.88 -7.12 9.64
C TYR A 481 -17.92 -8.65 9.72
N VAL A 482 -17.65 -9.28 8.58
CA VAL A 482 -17.61 -10.74 8.51
C VAL A 482 -16.17 -11.23 8.51
N ASP A 483 -15.72 -11.69 9.67
CA ASP A 483 -14.37 -12.21 9.79
C ASP A 483 -14.26 -13.48 8.95
N ASN A 484 -13.04 -13.82 8.58
CA ASN A 484 -12.77 -15.09 7.94
C ASN A 484 -12.00 -16.04 8.88
N GLN A 485 -12.13 -15.81 10.19
CA GLN A 485 -11.43 -16.63 11.20
C GLN A 485 -11.78 -18.10 11.10
N ASP A 486 -13.05 -18.38 10.83
CA ASP A 486 -13.54 -19.76 10.61
C ASP A 486 -12.77 -20.49 9.48
N CYS A 487 -12.49 -19.80 8.38
CA CYS A 487 -11.69 -20.38 7.29
C CYS A 487 -10.24 -20.59 7.71
N ILE A 488 -9.66 -19.61 8.38
CA ILE A 488 -8.34 -19.74 9.00
C ILE A 488 -8.28 -20.95 9.93
N ASP A 489 -9.25 -21.05 10.84
CA ASP A 489 -9.33 -22.17 11.79
C ASP A 489 -9.43 -23.54 11.13
N LEU A 490 -10.30 -23.65 10.11
CA LEU A 490 -10.41 -24.89 9.30
C LEU A 490 -9.03 -25.40 8.87
N ILE A 491 -8.19 -24.48 8.41
CA ILE A 491 -6.89 -24.83 7.87
C ILE A 491 -5.87 -25.14 8.96
N GLU A 492 -5.82 -24.30 9.99
CA GLU A 492 -4.64 -24.23 10.88
C GLU A 492 -4.88 -24.57 12.36
N ALA A 493 -6.15 -24.73 12.78
CA ALA A 493 -6.42 -25.06 14.19
C ALA A 493 -5.65 -26.31 14.62
N ARG A 494 -5.19 -26.35 15.87
CA ARG A 494 -4.46 -27.52 16.35
C ARG A 494 -5.40 -28.72 16.41
N LEU A 495 -4.87 -29.88 16.06
CA LEU A 495 -5.59 -31.16 16.17
C LEU A 495 -6.67 -31.37 15.12
N VAL A 496 -7.54 -30.37 14.93
CA VAL A 496 -8.72 -30.54 14.06
C VAL A 496 -8.56 -29.84 12.70
N GLY A 497 -7.54 -28.99 12.56
CA GLY A 497 -7.32 -28.24 11.33
C GLY A 497 -6.70 -29.13 10.27
N ILE A 498 -6.88 -28.74 9.01
CA ILE A 498 -6.42 -29.55 7.89
C ILE A 498 -4.92 -29.81 7.92
N LEU A 499 -4.14 -28.79 8.29
CA LEU A 499 -2.67 -28.97 8.38
C LEU A 499 -2.27 -30.07 9.35
N ASP A 500 -2.89 -30.11 10.51
CA ASP A 500 -2.63 -31.18 11.49
C ASP A 500 -3.13 -32.56 11.02
N ILE A 501 -4.28 -32.59 10.37
CA ILE A 501 -4.83 -33.85 9.83
C ILE A 501 -3.88 -34.37 8.76
N LEU A 502 -3.39 -33.48 7.91
CA LEU A 502 -2.40 -33.86 6.91
C LEU A 502 -1.13 -34.46 7.53
N ASP A 503 -0.52 -33.75 8.48
CA ASP A 503 0.62 -34.30 9.25
C ASP A 503 0.38 -35.70 9.82
N GLU A 504 -0.79 -35.92 10.40
CA GLU A 504 -1.17 -37.24 10.90
C GLU A 504 -1.04 -38.37 9.85
N GLU A 505 -1.50 -38.07 8.62
CA GLU A 505 -1.38 -38.98 7.49
C GLU A 505 0.07 -39.32 7.18
N ASN A 506 0.91 -38.30 7.11
CA ASN A 506 2.36 -38.47 6.91
C ASN A 506 3.03 -39.39 7.93
N ARG A 507 2.46 -39.46 9.13
CA ARG A 507 3.00 -40.29 10.19
C ARG A 507 2.46 -41.73 10.18
N LEU A 508 1.37 -41.97 9.45
CA LEU A 508 0.80 -43.33 9.34
C LEU A 508 1.77 -44.27 8.64
N PRO A 509 1.70 -45.58 8.96
CA PRO A 509 2.55 -46.59 8.28
C PRO A 509 2.40 -46.64 6.76
N GLN A 510 1.16 -46.45 6.27
CA GLN A 510 0.88 -46.38 4.83
C GLN A 510 0.05 -45.11 4.54
N PRO A 511 0.73 -43.95 4.41
CA PRO A 511 -0.02 -42.70 4.19
C PRO A 511 -0.76 -42.73 2.86
N SER A 512 -1.96 -42.15 2.84
CA SER A 512 -2.68 -42.07 1.58
C SER A 512 -3.43 -40.74 1.49
N ASP A 513 -3.37 -40.16 0.29
CA ASP A 513 -4.05 -38.91 -0.04
C ASP A 513 -5.55 -39.03 0.20
N GLN A 514 -6.09 -40.20 -0.16
CA GLN A 514 -7.51 -40.51 -0.03
C GLN A 514 -7.97 -40.66 1.41
N HIS A 515 -7.18 -41.36 2.23
CA HIS A 515 -7.45 -41.47 3.66
C HIS A 515 -7.46 -40.06 4.30
N PHE A 516 -6.43 -39.27 4.02
CA PHE A 516 -6.35 -37.88 4.49
C PHE A 516 -7.58 -37.07 4.09
N THR A 517 -7.96 -37.14 2.80
CA THR A 517 -9.09 -36.36 2.29
C THR A 517 -10.41 -36.71 2.97
N SER A 518 -10.65 -38.01 3.14
CA SER A 518 -11.81 -38.51 3.88
C SER A 518 -11.83 -38.06 5.32
N ALA A 519 -10.67 -38.11 5.97
CA ALA A 519 -10.56 -37.61 7.35
C ALA A 519 -10.94 -36.14 7.37
N VAL A 520 -10.50 -35.36 6.39
CA VAL A 520 -10.93 -33.95 6.35
C VAL A 520 -12.46 -33.84 6.25
N HIS A 521 -13.07 -34.58 5.30
CA HIS A 521 -14.51 -34.53 5.07
C HIS A 521 -15.36 -35.00 6.26
N GLN A 522 -14.90 -36.01 6.97
CA GLN A 522 -15.62 -36.49 8.15
C GLN A 522 -15.52 -35.48 9.30
N LYS A 523 -14.33 -34.98 9.57
CA LYS A 523 -14.13 -33.96 10.59
C LYS A 523 -14.92 -32.68 10.31
N HIS A 524 -14.92 -32.22 9.05
CA HIS A 524 -15.51 -30.92 8.75
C HIS A 524 -16.72 -30.97 7.80
N LYS A 525 -17.39 -32.13 7.81
CA LYS A 525 -18.68 -32.34 7.14
C LYS A 525 -19.54 -31.08 7.12
N ASP A 526 -19.81 -30.53 8.29
CA ASP A 526 -20.78 -29.43 8.38
C ASP A 526 -20.17 -28.02 8.45
N HIS A 527 -18.87 -27.88 8.18
CA HIS A 527 -18.23 -26.59 8.20
C HIS A 527 -18.74 -25.72 7.04
N PHE A 528 -19.08 -24.48 7.37
CA PHE A 528 -19.56 -23.52 6.38
C PHE A 528 -18.59 -23.36 5.18
N ARG A 529 -17.29 -23.46 5.44
CA ARG A 529 -16.25 -23.22 4.43
C ARG A 529 -15.85 -24.44 3.63
N LEU A 530 -16.26 -25.64 4.04
CA LEU A 530 -15.82 -26.87 3.35
C LEU A 530 -16.92 -27.48 2.49
N SER A 531 -16.55 -27.95 1.30
CA SER A 531 -17.52 -28.59 0.44
C SER A 531 -16.90 -29.74 -0.35
N ILE A 532 -17.76 -30.57 -0.92
CA ILE A 532 -17.33 -31.71 -1.71
C ILE A 532 -17.38 -31.29 -3.17
N PRO A 533 -16.39 -31.70 -3.99
CA PRO A 533 -16.36 -31.29 -5.41
C PRO A 533 -17.65 -31.59 -6.22
N ARG A 534 -18.26 -32.74 -6.02
CA ARG A 534 -19.46 -33.11 -6.79
C ARG A 534 -20.66 -32.15 -6.60
N LYS A 535 -20.54 -31.24 -5.64
CA LYS A 535 -21.55 -30.20 -5.42
C LYS A 535 -21.37 -29.00 -6.36
N SER A 536 -20.19 -28.87 -6.94
CA SER A 536 -19.86 -27.77 -7.84
C SER A 536 -20.77 -27.67 -9.06
N LYS A 537 -20.97 -26.43 -9.49
CA LYS A 537 -21.68 -26.09 -10.71
C LYS A 537 -20.91 -26.43 -11.99
N LEU A 538 -19.59 -26.62 -11.85
CA LEU A 538 -18.70 -26.97 -12.96
C LEU A 538 -18.48 -28.46 -13.09
N ALA A 539 -18.70 -28.98 -14.30
CA ALA A 539 -18.65 -30.40 -14.60
C ALA A 539 -17.32 -31.05 -14.20
N ILE A 540 -16.21 -30.43 -14.57
CA ILE A 540 -14.90 -30.99 -14.33
C ILE A 540 -14.56 -31.16 -12.82
N HIS A 541 -15.08 -30.26 -11.97
CA HIS A 541 -14.98 -30.46 -10.52
C HIS A 541 -15.78 -31.68 -10.05
N ARG A 542 -16.94 -31.91 -10.68
CA ARG A 542 -17.81 -33.03 -10.31
C ARG A 542 -17.22 -34.38 -10.66
N ASN A 543 -16.25 -34.40 -11.58
CA ASN A 543 -15.46 -35.60 -11.91
C ASN A 543 -14.53 -36.09 -10.78
N ILE A 544 -14.27 -35.23 -9.80
CA ILE A 544 -13.35 -35.51 -8.71
C ILE A 544 -14.12 -36.21 -7.59
N ARG A 545 -13.66 -37.41 -7.22
CA ARG A 545 -14.25 -38.20 -6.14
C ARG A 545 -14.11 -37.48 -4.80
N ASP A 546 -15.05 -37.74 -3.90
CA ASP A 546 -15.04 -37.16 -2.54
C ASP A 546 -13.67 -37.26 -1.88
N ASP A 547 -13.05 -38.45 -1.93
CA ASP A 547 -11.71 -38.68 -1.37
C ASP A 547 -10.52 -38.19 -2.24
N GLU A 548 -10.82 -37.42 -3.29
CA GLU A 548 -9.81 -36.95 -4.25
C GLU A 548 -9.72 -35.43 -4.27
N GLY A 549 -10.61 -34.78 -3.55
CA GLY A 549 -10.52 -33.35 -3.39
C GLY A 549 -11.46 -32.79 -2.38
N PHE A 550 -11.37 -31.48 -2.18
CA PHE A 550 -12.35 -30.73 -1.41
C PHE A 550 -12.39 -29.30 -1.90
N ILE A 551 -13.49 -28.63 -1.60
CA ILE A 551 -13.66 -27.23 -1.89
C ILE A 551 -13.56 -26.41 -0.59
N ILE A 552 -12.79 -25.32 -0.65
CA ILE A 552 -12.73 -24.36 0.45
C ILE A 552 -13.27 -23.02 -0.02
N ARG A 553 -14.21 -22.46 0.75
CA ARG A 553 -14.78 -21.13 0.44
C ARG A 553 -13.89 -19.99 0.96
N HIS A 554 -12.77 -19.78 0.26
CA HIS A 554 -11.78 -18.75 0.57
C HIS A 554 -12.35 -17.36 0.41
N PHE A 555 -11.65 -16.37 0.97
CA PHE A 555 -12.08 -14.97 0.86
C PHE A 555 -12.40 -14.62 -0.58
N ALA A 556 -11.50 -15.01 -1.49
CA ALA A 556 -11.58 -14.62 -2.88
C ALA A 556 -12.60 -15.44 -3.67
N GLY A 557 -13.13 -16.50 -3.06
CA GLY A 557 -14.04 -17.43 -3.73
C GLY A 557 -13.68 -18.90 -3.52
N ALA A 558 -14.65 -19.77 -3.81
CA ALA A 558 -14.47 -21.21 -3.73
C ALA A 558 -13.29 -21.68 -4.56
N VAL A 559 -12.49 -22.57 -3.96
CA VAL A 559 -11.38 -23.19 -4.64
C VAL A 559 -11.54 -24.69 -4.50
N CYS A 560 -11.50 -25.40 -5.62
CA CYS A 560 -11.57 -26.83 -5.61
C CYS A 560 -10.16 -27.40 -5.68
N TYR A 561 -9.75 -28.06 -4.60
CA TYR A 561 -8.44 -28.64 -4.49
C TYR A 561 -8.48 -30.10 -4.88
N GLU A 562 -7.56 -30.48 -5.76
CA GLU A 562 -7.31 -31.88 -6.01
C GLU A 562 -6.21 -32.26 -5.06
N THR A 563 -6.44 -33.33 -4.30
CA THR A 563 -5.58 -33.65 -3.16
C THR A 563 -4.56 -34.76 -3.44
N THR A 564 -4.54 -35.28 -4.67
CA THR A 564 -3.44 -36.17 -5.06
C THR A 564 -2.11 -35.44 -4.81
N GLN A 565 -1.17 -36.16 -4.19
CA GLN A 565 0.17 -35.65 -3.91
C GLN A 565 0.27 -34.70 -2.70
N PHE A 566 -0.84 -34.43 -2.01
CA PHE A 566 -0.80 -33.60 -0.78
C PHE A 566 0.17 -34.15 0.28
N VAL A 567 0.10 -35.44 0.53
CA VAL A 567 0.93 -36.14 1.51
C VAL A 567 2.43 -36.00 1.20
N GLU A 568 2.80 -36.23 -0.06
CA GLU A 568 4.19 -36.21 -0.48
C GLU A 568 4.75 -34.77 -0.51
N LYS A 569 3.91 -33.83 -0.95
CA LYS A 569 4.23 -32.42 -0.99
C LYS A 569 4.35 -31.76 0.40
N ASN A 570 3.64 -32.32 1.37
CA ASN A 570 3.74 -31.88 2.77
C ASN A 570 5.02 -32.35 3.45
N ASN A 571 5.79 -33.20 2.78
CA ASN A 571 7.04 -33.71 3.36
C ASN A 571 8.33 -33.19 2.71
N ASP A 572 9.09 -32.42 3.48
CA ASP A 572 10.35 -31.82 3.04
C ASP A 572 11.56 -32.65 3.45
N ALA A 573 11.34 -33.77 4.13
CA ALA A 573 12.43 -34.57 4.62
C ALA A 573 13.17 -35.26 3.49
N LEU A 574 14.44 -35.56 3.76
CA LEU A 574 15.27 -36.35 2.87
C LEU A 574 15.56 -37.64 3.63
N HIS A 575 15.50 -38.78 2.93
CA HIS A 575 15.84 -40.07 3.54
C HIS A 575 17.24 -40.06 4.17
N MET A 576 17.37 -40.69 5.34
CA MET A 576 18.61 -40.64 6.14
C MET A 576 19.83 -41.25 5.41
N SER A 577 19.58 -42.21 4.52
CA SER A 577 20.67 -42.78 3.71
C SER A 577 21.28 -41.72 2.80
N LEU A 578 20.45 -40.78 2.34
CA LEU A 578 20.90 -39.67 1.50
C LEU A 578 21.46 -38.51 2.32
N GLU A 579 20.82 -38.20 3.43
CA GLU A 579 21.28 -37.10 4.30
C GLU A 579 22.63 -37.41 4.96
N SER A 580 22.82 -38.66 5.38
CA SER A 580 24.09 -39.09 5.98
C SER A 580 25.22 -38.95 4.97
N LEU A 581 24.96 -39.42 3.75
CA LEU A 581 25.89 -39.28 2.62
C LEU A 581 26.42 -37.86 2.47
N ILE A 582 25.51 -36.89 2.34
CA ILE A 582 25.89 -35.50 2.08
C ILE A 582 26.49 -34.82 3.32
N CYS A 583 26.12 -35.30 4.52
CA CYS A 583 26.66 -34.79 5.78
C CYS A 583 28.13 -35.16 6.01
N GLU A 584 28.56 -36.27 5.42
CA GLU A 584 29.98 -36.66 5.44
C GLU A 584 30.62 -36.34 4.09
N SER A 585 30.52 -35.07 3.68
CA SER A 585 31.19 -34.60 2.49
C SER A 585 32.62 -34.21 2.87
N ARG A 586 33.58 -34.49 1.98
CA ARG A 586 34.96 -34.06 2.18
C ARG A 586 35.03 -32.53 2.22
N ASP A 587 33.99 -31.90 1.70
CA ASP A 587 33.89 -30.45 1.60
C ASP A 587 33.28 -29.84 2.85
N LYS A 588 33.96 -28.82 3.36
CA LYS A 588 33.53 -28.09 4.54
C LYS A 588 32.20 -27.37 4.29
N PHE A 589 32.12 -26.69 3.14
CA PHE A 589 30.94 -25.91 2.75
C PHE A 589 29.65 -26.74 2.63
N ILE A 590 29.76 -27.91 2.00
CA ILE A 590 28.61 -28.81 1.85
C ILE A 590 28.16 -29.40 3.19
N ARG A 591 29.12 -29.65 4.09
CA ARG A 591 28.80 -30.10 5.45
C ARG A 591 28.06 -29.02 6.24
N GLU A 592 28.43 -27.76 6.03
CA GLU A 592 27.87 -26.63 6.77
C GLU A 592 26.46 -26.22 6.33
N LEU A 593 26.09 -26.57 5.10
CA LEU A 593 24.72 -26.42 4.62
C LEU A 593 23.77 -27.26 5.47
N PHE A 594 24.28 -28.38 5.98
CA PHE A 594 23.48 -29.33 6.75
C PHE A 594 23.74 -29.26 8.26
N GLU A 595 24.62 -28.35 8.66
CA GLU A 595 25.00 -28.19 10.07
C GLU A 595 24.08 -27.19 10.76
N SER A 612 11.11 -40.36 8.96
CA SER A 612 11.67 -39.24 8.22
C SER A 612 10.57 -38.34 7.63
N PHE A 613 10.24 -37.28 8.37
CA PHE A 613 9.13 -36.40 7.99
C PHE A 613 9.35 -34.99 8.52
N ILE A 614 9.29 -34.01 7.61
CA ILE A 614 9.28 -32.58 7.99
C ILE A 614 8.07 -31.92 7.35
N SER A 615 7.15 -31.44 8.17
CA SER A 615 5.92 -30.83 7.67
C SER A 615 6.17 -29.49 7.00
N VAL A 616 5.83 -29.41 5.71
CA VAL A 616 5.90 -28.18 4.94
C VAL A 616 4.84 -27.21 5.43
N GLY A 617 3.63 -27.72 5.65
CA GLY A 617 2.52 -26.87 6.02
C GLY A 617 2.66 -26.28 7.41
N ASN A 618 3.10 -27.10 8.36
CA ASN A 618 3.26 -26.63 9.73
C ASN A 618 4.54 -25.81 9.91
N LYS A 619 5.57 -26.11 9.12
CA LYS A 619 6.73 -25.24 9.09
C LYS A 619 6.31 -23.84 8.61
N PHE A 620 5.50 -23.76 7.56
CA PHE A 620 5.03 -22.48 7.04
C PHE A 620 4.08 -21.77 7.98
N LYS A 621 3.19 -22.51 8.62
CA LYS A 621 2.33 -21.96 9.64
C LYS A 621 3.14 -21.24 10.76
N THR A 622 4.24 -21.84 11.21
CA THR A 622 5.09 -21.23 12.24
C THR A 622 5.68 -19.90 11.75
N GLN A 623 6.25 -19.95 10.55
CA GLN A 623 6.77 -18.77 9.88
C GLN A 623 5.75 -17.67 9.69
N LEU A 624 4.57 -18.06 9.21
CA LEU A 624 3.45 -17.11 8.96
C LEU A 624 2.97 -16.45 10.26
N ASN A 625 2.82 -17.24 11.32
CA ASN A 625 2.47 -16.69 12.64
C ASN A 625 3.49 -15.69 13.20
N LEU A 626 4.78 -15.99 13.02
CA LEU A 626 5.84 -15.04 13.40
C LEU A 626 5.72 -13.77 12.58
N LEU A 627 5.38 -13.91 11.30
CA LEU A 627 5.23 -12.76 10.42
C LEU A 627 4.08 -11.86 10.83
N LEU A 628 2.98 -12.48 11.20
CA LEU A 628 1.83 -11.76 11.68
C LEU A 628 2.06 -11.06 13.02
N ASP A 629 2.79 -11.70 13.95
CA ASP A 629 3.25 -11.03 15.19
C ASP A 629 3.94 -9.72 14.87
N LYS A 630 4.92 -9.76 13.96
CA LYS A 630 5.59 -8.57 13.46
C LYS A 630 4.63 -7.59 12.82
N LEU A 631 3.92 -8.03 11.80
CA LEU A 631 2.92 -7.18 11.13
C LEU A 631 1.96 -6.51 12.13
N ARG A 632 1.45 -7.27 13.08
CA ARG A 632 0.54 -6.72 14.11
C ARG A 632 1.18 -5.66 15.04
N SER A 633 2.51 -5.64 15.11
CA SER A 633 3.22 -4.66 15.92
C SER A 633 3.55 -3.37 15.14
N THR A 634 3.11 -3.29 13.89
CA THR A 634 3.46 -2.20 12.99
C THR A 634 2.26 -1.33 12.66
N GLY A 635 2.50 -0.14 12.12
CA GLY A 635 1.50 0.57 11.34
C GLY A 635 1.65 0.06 9.92
N ALA A 636 0.53 -0.12 9.22
CA ALA A 636 0.51 -0.83 7.93
C ALA A 636 0.00 0.01 6.77
N SER A 637 0.66 -0.13 5.63
CA SER A 637 0.22 0.47 4.38
C SER A 637 0.14 -0.63 3.35
N PHE A 638 -0.72 -0.42 2.34
CA PHE A 638 -1.07 -1.49 1.42
C PHE A 638 -0.96 -0.99 -0.01
N ILE A 639 -0.20 -1.74 -0.82
CA ILE A 639 -0.13 -1.53 -2.26
C ILE A 639 -0.74 -2.76 -2.96
N ARG A 640 -1.82 -2.53 -3.70
CA ARG A 640 -2.48 -3.59 -4.49
C ARG A 640 -2.00 -3.55 -5.93
N CYS A 641 -1.19 -4.51 -6.33
CA CYS A 641 -0.69 -4.59 -7.70
C CYS A 641 -1.66 -5.35 -8.60
N ILE A 642 -1.78 -4.87 -9.85
CA ILE A 642 -2.78 -5.38 -10.79
C ILE A 642 -2.11 -5.72 -12.13
N LYS A 643 -2.23 -6.98 -12.56
CA LYS A 643 -1.76 -7.44 -13.87
C LYS A 643 -2.86 -7.14 -14.90
N PRO A 644 -2.57 -6.26 -15.87
CA PRO A 644 -3.60 -5.82 -16.83
C PRO A 644 -4.03 -6.84 -17.89
N ASN A 645 -3.18 -7.83 -18.17
CA ASN A 645 -3.48 -8.83 -19.18
C ASN A 645 -2.61 -10.02 -18.98
N LEU A 646 -2.86 -11.07 -19.77
CA LEU A 646 -2.11 -12.32 -19.64
C LEU A 646 -1.01 -12.44 -20.68
N LYS A 647 -0.71 -11.34 -21.36
CA LYS A 647 0.21 -11.34 -22.51
C LYS A 647 1.51 -10.54 -22.34
N MET A 648 1.74 -10.00 -21.14
CA MET A 648 2.88 -9.11 -20.83
C MET A 648 3.02 -7.93 -21.77
N THR A 649 1.91 -7.35 -22.16
CA THR A 649 1.93 -6.30 -23.16
C THR A 649 1.37 -5.02 -22.55
N SER A 650 1.91 -3.89 -23.00
CA SER A 650 1.54 -2.61 -22.47
C SER A 650 0.32 -2.09 -23.22
N HIS A 651 -0.33 -1.08 -22.67
CA HIS A 651 -1.53 -0.49 -23.26
C HIS A 651 -2.59 -1.50 -23.69
N HIS A 652 -2.80 -2.50 -22.85
CA HIS A 652 -3.85 -3.49 -23.04
C HIS A 652 -4.57 -3.81 -21.73
N PHE A 653 -5.62 -3.04 -21.45
CA PHE A 653 -6.40 -3.10 -20.21
C PHE A 653 -7.54 -4.12 -20.37
N GLU A 654 -7.39 -5.29 -19.77
CA GLU A 654 -8.43 -6.33 -19.78
C GLU A 654 -9.41 -6.17 -18.61
N GLY A 655 -10.51 -5.47 -18.88
CA GLY A 655 -11.43 -5.05 -17.83
C GLY A 655 -11.90 -6.14 -16.87
N ALA A 656 -12.25 -7.32 -17.39
CA ALA A 656 -12.81 -8.38 -16.55
C ALA A 656 -11.73 -9.02 -15.71
N GLN A 657 -10.54 -9.18 -16.29
CA GLN A 657 -9.41 -9.71 -15.56
C GLN A 657 -9.00 -8.79 -14.39
N ILE A 658 -9.08 -7.48 -14.62
CA ILE A 658 -8.70 -6.47 -13.65
C ILE A 658 -9.78 -6.34 -12.60
N LEU A 659 -11.04 -6.34 -13.04
CA LEU A 659 -12.20 -6.31 -12.14
C LEU A 659 -12.14 -7.46 -11.14
N SER A 660 -11.86 -8.66 -11.66
CA SER A 660 -11.72 -9.84 -10.85
C SER A 660 -10.60 -9.74 -9.80
N GLN A 661 -9.46 -9.15 -10.18
CA GLN A 661 -8.40 -8.87 -9.20
C GLN A 661 -8.86 -7.89 -8.11
N LEU A 662 -9.57 -6.85 -8.51
CA LEU A 662 -10.11 -5.88 -7.55
C LEU A 662 -11.09 -6.52 -6.56
N GLN A 663 -11.88 -7.48 -7.03
CA GLN A 663 -12.79 -8.22 -6.16
C GLN A 663 -12.05 -9.16 -5.23
N CYS A 664 -11.09 -9.91 -5.78
CA CYS A 664 -10.36 -10.94 -5.04
C CYS A 664 -9.47 -10.38 -3.94
N SER A 665 -8.89 -9.21 -4.19
CA SER A 665 -7.97 -8.57 -3.26
C SER A 665 -8.69 -7.74 -2.19
N GLY A 666 -10.02 -7.71 -2.22
CA GLY A 666 -10.80 -7.05 -1.18
C GLY A 666 -11.15 -5.59 -1.37
N MET A 667 -10.73 -5.00 -2.49
CA MET A 667 -11.01 -3.59 -2.79
C MET A 667 -12.49 -3.24 -2.89
N VAL A 668 -13.27 -4.14 -3.47
CA VAL A 668 -14.70 -3.93 -3.62
C VAL A 668 -15.35 -3.94 -2.22
N SER A 669 -14.92 -4.88 -1.40
CA SER A 669 -15.29 -4.92 0.02
C SER A 669 -14.95 -3.61 0.75
N VAL A 670 -13.75 -3.05 0.51
CA VAL A 670 -13.38 -1.72 1.02
C VAL A 670 -14.36 -0.61 0.58
N LEU A 671 -14.78 -0.67 -0.68
CA LEU A 671 -15.79 0.27 -1.19
C LEU A 671 -17.14 0.11 -0.50
N ASP A 672 -17.51 -1.14 -0.20
CA ASP A 672 -18.77 -1.45 0.50
C ASP A 672 -18.78 -0.81 1.89
N LEU A 673 -17.68 -0.95 2.61
CA LEU A 673 -17.46 -0.26 3.89
C LEU A 673 -17.68 1.26 3.81
N MET A 674 -17.05 1.90 2.82
CA MET A 674 -17.11 3.36 2.65
C MET A 674 -18.49 3.89 2.29
N GLN A 675 -19.27 3.11 1.52
CA GLN A 675 -20.68 3.43 1.24
C GLN A 675 -21.52 3.44 2.51
N GLY A 676 -21.02 2.80 3.56
CA GLY A 676 -21.68 2.83 4.87
C GLY A 676 -21.62 4.18 5.57
N GLY A 677 -20.66 5.03 5.20
CA GLY A 677 -20.53 6.35 5.82
C GLY A 677 -20.51 7.53 4.88
N PHE A 678 -19.31 8.02 4.62
CA PHE A 678 -19.09 9.19 3.80
C PHE A 678 -18.03 8.81 2.78
N PRO A 679 -18.47 8.22 1.65
CA PRO A 679 -17.52 7.72 0.63
C PRO A 679 -16.91 8.82 -0.25
N SER A 680 -17.55 9.98 -0.30
CA SER A 680 -17.07 11.13 -1.08
C SER A 680 -16.40 12.13 -0.15
N ARG A 681 -15.15 12.45 -0.47
CA ARG A 681 -14.28 13.28 0.38
C ARG A 681 -13.50 14.25 -0.48
N ALA A 682 -13.68 15.54 -0.21
CA ALA A 682 -13.02 16.58 -1.00
C ALA A 682 -12.51 17.70 -0.10
N SER A 683 -11.24 18.07 -0.29
CA SER A 683 -10.62 19.19 0.42
C SER A 683 -11.21 20.50 -0.07
N PHE A 684 -11.21 21.50 0.81
CA PHE A 684 -11.72 22.81 0.49
C PHE A 684 -11.08 23.38 -0.78
N HIS A 685 -9.77 23.21 -0.91
CA HIS A 685 -9.02 23.60 -2.10
C HIS A 685 -9.53 22.93 -3.38
N GLU A 686 -9.76 21.62 -3.33
CA GLU A 686 -10.28 20.87 -4.47
C GLU A 686 -11.66 21.39 -4.88
N LEU A 687 -12.53 21.63 -3.88
CA LEU A 687 -13.88 22.13 -4.13
C LEU A 687 -13.90 23.55 -4.69
N TYR A 688 -13.14 24.44 -4.03
CA TYR A 688 -12.97 25.82 -4.46
C TYR A 688 -12.49 25.88 -5.91
N ASN A 689 -11.52 25.03 -6.29
CA ASN A 689 -11.03 24.98 -7.67
C ASN A 689 -12.08 24.48 -8.67
N MET A 690 -12.86 23.49 -8.26
CA MET A 690 -13.94 22.91 -9.08
C MET A 690 -15.12 23.87 -9.27
N TYR A 691 -15.49 24.60 -8.22
CA TYR A 691 -16.76 25.33 -8.21
C TYR A 691 -16.72 26.87 -8.12
N LYS A 692 -15.54 27.48 -7.99
CA LYS A 692 -15.48 28.95 -7.91
C LYS A 692 -16.10 29.64 -9.14
N LYS A 693 -15.97 29.00 -10.31
CA LYS A 693 -16.50 29.55 -11.58
C LYS A 693 -18.02 29.68 -11.62
N TYR A 694 -18.70 28.94 -10.75
CA TYR A 694 -20.16 29.00 -10.66
C TYR A 694 -20.65 30.11 -9.73
N MET A 695 -19.73 30.68 -8.95
CA MET A 695 -20.09 31.67 -7.93
C MET A 695 -19.71 33.13 -8.31
N PRO A 696 -20.32 34.12 -7.64
CA PRO A 696 -19.93 35.52 -7.83
C PRO A 696 -18.45 35.77 -7.53
N ASP A 697 -17.86 36.74 -8.24
CA ASP A 697 -16.44 37.10 -8.11
C ASP A 697 -16.00 37.38 -6.67
N LYS A 698 -16.89 37.98 -5.91
CA LYS A 698 -16.65 38.32 -4.51
C LYS A 698 -16.31 37.08 -3.69
N LEU A 699 -17.01 35.98 -3.99
CA LEU A 699 -16.83 34.69 -3.34
C LEU A 699 -15.61 33.94 -3.85
N ALA A 700 -15.37 34.04 -5.16
CA ALA A 700 -14.16 33.47 -5.78
C ALA A 700 -12.84 34.10 -5.28
N ARG A 701 -12.93 35.22 -4.55
CA ARG A 701 -11.75 35.91 -4.00
C ARG A 701 -11.24 35.37 -2.64
N LEU A 702 -12.12 34.71 -1.88
CA LEU A 702 -11.71 33.87 -0.72
C LEU A 702 -10.88 32.75 -1.36
N ASP A 703 -9.82 32.15 -0.77
CA ASP A 703 -9.70 31.53 0.55
C ASP A 703 -10.64 30.31 0.58
N PRO A 704 -10.15 29.15 0.10
CA PRO A 704 -10.92 27.91 -0.07
C PRO A 704 -11.75 27.50 1.14
N ARG A 705 -11.22 27.65 2.34
CA ARG A 705 -11.93 27.32 3.55
C ARG A 705 -13.16 28.21 3.75
N LEU A 706 -12.98 29.52 3.63
CA LEU A 706 -14.08 30.47 3.79
C LEU A 706 -15.04 30.40 2.59
N PHE A 707 -14.52 30.18 1.39
CA PHE A 707 -15.37 29.90 0.21
C PHE A 707 -16.35 28.77 0.53
N CYS A 708 -15.84 27.62 0.94
CA CYS A 708 -16.69 26.45 1.26
C CYS A 708 -17.66 26.74 2.42
N LYS A 709 -17.17 27.43 3.46
CA LYS A 709 -18.01 27.87 4.59
C LYS A 709 -19.21 28.67 4.12
N ALA A 710 -18.96 29.56 3.15
CA ALA A 710 -19.97 30.46 2.63
C ALA A 710 -21.01 29.71 1.81
N LEU A 711 -20.54 28.74 1.03
CA LEU A 711 -21.42 27.83 0.29
C LEU A 711 -22.36 27.10 1.24
N PHE A 712 -21.80 26.41 2.24
CA PHE A 712 -22.58 25.70 3.25
C PHE A 712 -23.66 26.59 3.85
N LYS A 713 -23.27 27.82 4.18
CA LYS A 713 -24.19 28.80 4.75
C LYS A 713 -25.25 29.26 3.73
N ALA A 714 -24.83 29.59 2.52
CA ALA A 714 -25.75 30.09 1.48
C ALA A 714 -26.74 29.03 0.97
N LEU A 715 -26.29 27.79 0.89
CA LEU A 715 -27.15 26.69 0.44
C LEU A 715 -27.94 26.09 1.59
N GLY A 716 -27.41 26.22 2.80
CA GLY A 716 -28.04 25.64 3.98
C GLY A 716 -28.01 24.12 3.94
N LEU A 717 -26.82 23.57 3.67
CA LEU A 717 -26.64 22.11 3.63
C LEU A 717 -26.83 21.50 5.03
N ASN A 718 -27.68 20.49 5.13
CA ASN A 718 -28.00 19.86 6.40
C ASN A 718 -26.86 19.03 7.00
N GLU A 719 -26.89 18.85 8.32
CA GLU A 719 -25.82 18.15 9.04
C GLU A 719 -25.82 16.62 8.85
N ILE A 720 -26.93 16.08 8.35
CA ILE A 720 -27.06 14.65 8.11
C ILE A 720 -26.25 14.24 6.86
N ASP A 721 -26.46 14.97 5.77
CA ASP A 721 -25.90 14.62 4.47
C ASP A 721 -24.50 15.17 4.23
N TYR A 722 -24.19 16.28 4.87
CA TYR A 722 -22.97 17.02 4.60
C TYR A 722 -22.21 17.24 5.90
N LYS A 723 -20.92 16.92 5.88
CA LYS A 723 -20.03 17.21 6.99
C LYS A 723 -18.88 18.11 6.61
N PHE A 724 -18.91 19.31 7.16
CA PHE A 724 -17.81 20.25 7.06
C PHE A 724 -16.73 19.81 8.06
N GLY A 725 -15.70 19.14 7.54
CA GLY A 725 -14.67 18.57 8.37
C GLY A 725 -13.62 19.56 8.81
N LEU A 726 -12.52 19.02 9.33
CA LEU A 726 -11.40 19.83 9.74
C LEU A 726 -10.68 20.41 8.52
N THR A 727 -10.55 19.60 7.46
CA THR A 727 -9.83 20.02 6.26
C THR A 727 -10.59 19.67 4.97
N LYS A 728 -11.69 18.93 5.10
CA LYS A 728 -12.40 18.39 3.95
C LYS A 728 -13.88 18.44 4.18
N VAL A 729 -14.63 18.39 3.07
CA VAL A 729 -16.05 18.10 3.13
C VAL A 729 -16.27 16.60 2.89
N PHE A 730 -17.08 16.01 3.75
CA PHE A 730 -17.44 14.61 3.66
C PHE A 730 -18.92 14.50 3.27
N PHE A 731 -19.20 13.71 2.24
CA PHE A 731 -20.56 13.56 1.71
C PHE A 731 -21.09 12.14 1.91
N ARG A 732 -22.33 12.01 2.37
CA ARG A 732 -23.08 10.74 2.33
C ARG A 732 -23.21 10.29 0.86
N PRO A 733 -23.48 8.98 0.63
CA PRO A 733 -23.71 8.51 -0.76
C PRO A 733 -24.79 9.28 -1.54
N GLY A 734 -24.46 9.68 -2.77
CA GLY A 734 -25.36 10.49 -3.62
C GLY A 734 -25.36 12.00 -3.38
N LYS A 735 -24.80 12.43 -2.25
CA LYS A 735 -24.88 13.84 -1.84
C LYS A 735 -23.93 14.79 -2.55
N PHE A 736 -22.73 14.31 -2.87
CA PHE A 736 -21.77 15.04 -3.69
C PHE A 736 -22.36 15.30 -5.09
N ALA A 737 -23.04 14.30 -5.65
CA ALA A 737 -23.75 14.46 -6.93
C ALA A 737 -24.85 15.52 -6.83
N GLU A 738 -25.60 15.51 -5.72
CA GLU A 738 -26.63 16.51 -5.47
C GLU A 738 -26.01 17.91 -5.34
N PHE A 739 -24.89 17.99 -4.63
CA PHE A 739 -24.17 19.25 -4.48
C PHE A 739 -23.64 19.77 -5.82
N ASP A 740 -23.06 18.88 -6.63
CA ASP A 740 -22.60 19.22 -7.97
C ASP A 740 -23.76 19.77 -8.81
N GLN A 741 -24.93 19.17 -8.65
CA GLN A 741 -26.14 19.55 -9.36
C GLN A 741 -26.59 20.96 -8.95
N ILE A 742 -26.58 21.22 -7.64
CA ILE A 742 -26.89 22.55 -7.11
C ILE A 742 -25.97 23.62 -7.68
N MET A 743 -24.67 23.31 -7.77
CA MET A 743 -23.67 24.24 -8.30
C MET A 743 -23.82 24.55 -9.79
N LYS A 744 -24.47 23.64 -10.54
CA LYS A 744 -24.59 23.75 -12.00
C LYS A 744 -25.92 24.32 -12.50
N SER A 745 -26.84 24.57 -11.58
CA SER A 745 -27.98 25.47 -11.81
C SER A 745 -27.49 26.80 -11.26
N ASP A 746 -28.34 27.79 -11.02
CA ASP A 746 -29.19 28.47 -11.98
C ASP A 746 -28.55 29.79 -11.59
N PRO A 747 -27.53 30.22 -12.35
CA PRO A 747 -26.58 31.24 -11.89
C PRO A 747 -27.18 32.35 -11.01
N ASP A 748 -28.33 32.88 -11.42
CA ASP A 748 -28.94 34.01 -10.73
C ASP A 748 -29.48 33.67 -9.35
N HIS A 749 -30.10 32.50 -9.24
CA HIS A 749 -30.65 32.08 -7.95
C HIS A 749 -29.52 31.82 -6.96
N LEU A 750 -28.46 31.19 -7.44
CA LEU A 750 -27.27 30.96 -6.63
C LEU A 750 -26.75 32.29 -6.06
N ALA A 751 -26.53 33.26 -6.96
CA ALA A 751 -26.17 34.64 -6.59
C ALA A 751 -27.08 35.23 -5.51
N GLU A 752 -28.39 34.98 -5.61
CA GLU A 752 -29.36 35.47 -4.64
C GLU A 752 -29.16 34.84 -3.25
N LEU A 753 -28.79 33.56 -3.25
CA LEU A 753 -28.54 32.83 -2.00
C LEU A 753 -27.29 33.36 -1.29
N VAL A 754 -26.26 33.71 -2.06
CA VAL A 754 -25.06 34.34 -1.53
C VAL A 754 -25.37 35.73 -0.96
N LYS A 755 -26.13 36.51 -1.72
CA LYS A 755 -26.53 37.87 -1.32
C LYS A 755 -27.12 37.90 0.08
N ARG A 756 -28.04 37.00 0.37
CA ARG A 756 -28.73 36.99 1.66
C ARG A 756 -27.85 36.53 2.82
N VAL A 757 -26.66 36.06 2.49
CA VAL A 757 -25.67 35.60 3.47
C VAL A 757 -24.54 36.65 3.66
N ASN A 758 -24.62 37.74 2.91
CA ASN A 758 -23.58 38.78 2.82
C ASN A 758 -23.07 39.37 4.14
N HIS A 759 -23.97 39.86 5.00
CA HIS A 759 -23.55 40.41 6.30
C HIS A 759 -22.71 39.43 7.13
N TRP A 760 -23.20 38.19 7.24
CA TRP A 760 -22.52 37.08 7.93
C TRP A 760 -21.11 36.86 7.37
N LEU A 761 -21.00 36.91 6.05
CA LEU A 761 -19.73 36.71 5.35
C LEU A 761 -18.73 37.83 5.68
N ILE A 762 -19.21 39.09 5.67
CA ILE A 762 -18.39 40.27 6.01
C ILE A 762 -17.89 40.18 7.46
N CYS A 763 -18.81 39.88 8.37
CA CYS A 763 -18.46 39.64 9.78
C CYS A 763 -17.44 38.53 9.93
N SER A 764 -17.63 37.42 9.21
CA SER A 764 -16.66 36.31 9.25
C SER A 764 -15.28 36.74 8.81
N ARG A 765 -15.23 37.52 7.74
CA ARG A 765 -13.98 38.09 7.26
C ARG A 765 -13.32 38.99 8.28
N TRP A 766 -14.10 39.90 8.85
CA TRP A 766 -13.61 40.75 9.91
C TRP A 766 -12.97 39.93 11.04
N LYS A 767 -13.78 39.08 11.68
CA LYS A 767 -13.35 38.29 12.84
C LYS A 767 -12.14 37.44 12.58
N LYS A 768 -12.07 36.85 11.39
CA LYS A 768 -10.92 36.04 11.03
C LYS A 768 -9.60 36.80 11.22
N VAL A 769 -9.58 38.06 10.75
CA VAL A 769 -8.36 38.88 10.79
C VAL A 769 -8.17 39.53 12.16
N GLN A 770 -9.29 39.90 12.79
CA GLN A 770 -9.27 40.44 14.15
C GLN A 770 -8.74 39.41 15.14
N TRP A 771 -9.29 38.20 15.08
CA TRP A 771 -8.85 37.11 15.96
C TRP A 771 -7.48 36.58 15.60
N CYS A 772 -7.04 36.81 14.37
CA CYS A 772 -5.68 36.46 13.97
C CYS A 772 -4.64 37.40 14.60
N SER A 773 -4.95 38.70 14.67
CA SER A 773 -4.02 39.65 15.30
C SER A 773 -3.98 39.51 16.83
N LEU A 774 -5.12 39.18 17.43
CA LEU A 774 -5.15 38.79 18.83
C LEU A 774 -4.30 37.55 19.08
N SER A 775 -4.27 36.62 18.12
CA SER A 775 -3.41 35.42 18.20
C SER A 775 -1.95 35.77 18.17
N VAL A 776 -1.59 36.72 17.33
CA VAL A 776 -0.21 37.12 17.15
C VAL A 776 0.27 37.88 18.40
N ILE A 777 -0.65 38.61 19.04
CA ILE A 777 -0.34 39.33 20.29
C ILE A 777 -0.07 38.36 21.43
N LYS A 778 -0.91 37.34 21.55
CA LYS A 778 -0.75 36.29 22.55
C LYS A 778 0.53 35.49 22.31
N LEU A 779 0.86 35.26 21.04
CA LEU A 779 2.11 34.59 20.68
C LEU A 779 3.32 35.45 21.05
N LYS A 780 3.21 36.75 20.75
CA LYS A 780 4.22 37.73 21.17
C LYS A 780 4.37 37.72 22.71
N ASN A 781 3.26 37.83 23.42
CA ASN A 781 3.29 37.89 24.87
C ASN A 781 3.81 36.59 25.49
N LYS A 782 3.60 35.49 24.80
CA LYS A 782 4.05 34.19 25.27
C LYS A 782 5.58 34.09 25.27
N ILE A 783 6.17 34.77 24.32
CA ILE A 783 7.55 34.59 24.04
C ILE A 783 8.29 35.37 25.09
N LYS A 784 7.63 36.43 25.54
CA LYS A 784 8.03 37.19 26.70
C LYS A 784 7.84 36.50 28.02
N TYR A 785 6.75 35.79 28.17
CA TYR A 785 6.51 34.98 29.33
C TYR A 785 7.58 33.92 29.48
N ARG A 786 8.13 33.44 28.38
CA ARG A 786 9.10 32.36 28.43
C ARG A 786 10.52 32.90 28.57
N ALA A 787 10.66 34.22 28.46
CA ALA A 787 11.95 34.87 28.65
C ALA A 787 12.01 35.63 29.96
N GLN B 4 -9.04 28.48 30.52
CA GLN B 4 -9.29 27.98 29.13
C GLN B 4 -10.41 28.73 28.42
N LEU B 5 -10.83 28.21 27.26
CA LEU B 5 -11.66 28.99 26.34
C LEU B 5 -13.10 28.50 26.22
N THR B 6 -13.98 29.42 25.83
CA THR B 6 -15.38 29.11 25.54
C THR B 6 -15.50 28.48 24.16
N GLU B 7 -16.61 27.79 23.91
CA GLU B 7 -16.87 27.15 22.61
C GLU B 7 -16.79 28.12 21.43
N GLU B 8 -17.22 29.36 21.68
CA GLU B 8 -17.26 30.42 20.69
C GLU B 8 -15.88 31.03 20.41
N GLN B 9 -15.08 31.21 21.46
CA GLN B 9 -13.71 31.71 21.32
C GLN B 9 -12.89 30.75 20.49
N ILE B 10 -13.03 29.45 20.79
CA ILE B 10 -12.35 28.36 20.09
C ILE B 10 -12.71 28.39 18.61
N ALA B 11 -13.96 28.70 18.31
CA ALA B 11 -14.47 28.76 16.94
C ALA B 11 -13.82 29.91 16.16
N GLU B 12 -13.66 31.05 16.82
CA GLU B 12 -13.03 32.22 16.22
C GLU B 12 -11.56 32.00 15.93
N PHE B 13 -10.84 31.40 16.89
CA PHE B 13 -9.43 31.09 16.76
C PHE B 13 -9.15 30.03 15.70
N LYS B 14 -10.13 29.15 15.47
CA LYS B 14 -10.01 28.12 14.44
C LYS B 14 -10.02 28.76 13.07
N GLU B 15 -10.88 29.75 12.90
CA GLU B 15 -10.92 30.51 11.66
C GLU B 15 -9.65 31.35 11.49
N ALA B 16 -9.18 31.96 12.57
CA ALA B 16 -7.91 32.70 12.57
C ALA B 16 -6.71 31.79 12.27
N PHE B 17 -6.78 30.53 12.70
CA PHE B 17 -5.74 29.52 12.45
C PHE B 17 -5.55 29.20 10.96
N SER B 18 -6.63 29.29 10.19
CA SER B 18 -6.55 29.07 8.74
C SER B 18 -5.64 30.06 8.03
N LEU B 19 -5.49 31.25 8.61
CA LEU B 19 -4.54 32.25 8.10
C LEU B 19 -3.08 31.83 8.29
N PHE B 20 -2.79 31.07 9.34
CA PHE B 20 -1.47 30.43 9.47
C PHE B 20 -1.39 29.22 8.53
N ASP B 21 -2.39 28.34 8.62
CA ASP B 21 -2.45 27.09 7.86
C ASP B 21 -3.09 27.32 6.49
N LYS B 22 -2.34 27.95 5.58
CA LYS B 22 -2.90 28.40 4.30
C LYS B 22 -3.14 27.27 3.30
N ASP B 23 -2.25 26.27 3.34
CA ASP B 23 -2.41 25.04 2.54
C ASP B 23 -3.50 24.10 3.08
N GLY B 24 -3.75 24.19 4.39
CA GLY B 24 -4.91 23.60 5.10
C GLY B 24 -5.60 22.26 4.76
N ASP B 25 -4.91 21.12 4.82
CA ASP B 25 -3.83 20.74 5.72
C ASP B 25 -3.91 20.50 7.22
N GLY B 26 -4.26 21.52 8.00
CA GLY B 26 -4.55 21.35 9.43
C GLY B 26 -3.37 21.55 10.37
N THR B 27 -2.17 21.65 9.83
CA THR B 27 -0.97 21.80 10.66
C THR B 27 -0.09 22.97 10.21
N ILE B 28 0.70 23.51 11.13
CA ILE B 28 1.62 24.60 10.81
C ILE B 28 2.99 24.37 11.42
N THR B 29 4.00 25.01 10.84
CA THR B 29 5.34 24.95 11.39
C THR B 29 5.76 26.33 11.90
N THR B 30 7.04 26.45 12.20
CA THR B 30 7.69 27.70 12.60
C THR B 30 7.67 28.71 11.45
N LYS B 31 7.78 28.20 10.22
CA LYS B 31 7.74 28.99 8.99
C LYS B 31 6.51 29.88 8.90
N GLU B 32 5.33 29.28 9.15
CA GLU B 32 4.04 29.99 9.05
C GLU B 32 3.81 30.89 10.26
N LEU B 33 4.23 30.41 11.43
CA LEU B 33 4.21 31.21 12.67
C LEU B 33 4.83 32.61 12.47
N GLY B 34 6.07 32.65 11.96
CA GLY B 34 6.83 33.89 11.79
C GLY B 34 6.26 34.80 10.72
N THR B 35 5.89 34.22 9.58
CA THR B 35 5.29 34.98 8.48
C THR B 35 4.05 35.76 8.90
N VAL B 36 3.08 35.09 9.51
CA VAL B 36 1.87 35.75 9.96
C VAL B 36 2.21 36.78 11.05
N MET B 37 3.13 36.40 11.94
CA MET B 37 3.58 37.29 13.00
C MET B 37 4.23 38.55 12.45
N ARG B 38 5.14 38.41 11.50
CA ARG B 38 5.73 39.55 10.79
C ARG B 38 4.68 40.34 10.00
N SER B 39 3.74 39.63 9.39
CA SER B 39 2.64 40.27 8.63
C SER B 39 1.80 41.20 9.47
N LEU B 40 1.81 40.98 10.79
CA LEU B 40 1.07 41.83 11.71
C LEU B 40 1.99 42.62 12.66
N GLY B 41 3.21 42.87 12.21
CA GLY B 41 4.08 43.85 12.86
C GLY B 41 4.83 43.36 14.06
N GLN B 42 5.06 42.06 14.11
CA GLN B 42 5.82 41.44 15.19
C GLN B 42 7.08 40.89 14.52
N ASN B 43 8.19 40.77 15.25
CA ASN B 43 9.40 40.25 14.62
C ASN B 43 10.19 39.24 15.48
N PRO B 44 9.62 38.03 15.65
CA PRO B 44 10.25 37.02 16.49
C PRO B 44 11.42 36.37 15.76
N THR B 45 12.50 36.09 16.49
CA THR B 45 13.64 35.37 15.97
C THR B 45 13.29 33.90 15.82
N GLU B 46 14.16 33.14 15.14
CA GLU B 46 13.92 31.71 14.90
C GLU B 46 14.09 30.84 16.15
N ALA B 47 14.98 31.27 17.05
CA ALA B 47 15.20 30.59 18.33
C ALA B 47 14.03 30.82 19.29
N GLU B 48 13.38 31.97 19.17
CA GLU B 48 12.20 32.30 19.96
C GLU B 48 10.98 31.52 19.47
N LEU B 49 10.88 31.37 18.16
CA LEU B 49 9.86 30.52 17.55
C LEU B 49 10.10 29.06 17.94
N GLN B 50 11.33 28.60 17.77
CA GLN B 50 11.71 27.23 18.11
C GLN B 50 11.40 26.89 19.56
N ASP B 51 11.78 27.78 20.47
CA ASP B 51 11.54 27.60 21.90
C ASP B 51 10.05 27.60 22.28
N MET B 52 9.25 28.39 21.60
CA MET B 52 7.81 28.45 21.86
C MET B 52 7.10 27.20 21.32
N ILE B 53 7.53 26.77 20.14
CA ILE B 53 7.11 25.52 19.51
C ILE B 53 7.36 24.31 20.42
N ASN B 54 8.49 24.34 21.13
CA ASN B 54 8.94 23.24 22.02
C ASN B 54 7.95 22.79 23.08
N GLU B 55 7.16 23.73 23.61
CA GLU B 55 6.15 23.40 24.62
C GLU B 55 5.17 22.34 24.12
N VAL B 56 4.70 22.53 22.88
CA VAL B 56 3.63 21.68 22.32
C VAL B 56 4.05 20.72 21.19
N ASP B 57 5.30 20.80 20.74
CA ASP B 57 5.76 19.88 19.70
C ASP B 57 6.33 18.62 20.36
N ALA B 58 5.43 17.71 20.71
CA ALA B 58 5.65 16.77 21.79
C ALA B 58 6.31 15.39 21.57
N ASP B 59 6.12 14.66 20.46
CA ASP B 59 6.19 15.05 19.03
C ASP B 59 7.55 15.17 18.30
N GLY B 60 8.19 16.34 18.37
CA GLY B 60 9.54 16.53 17.82
C GLY B 60 9.64 16.74 16.31
N ASN B 61 8.49 16.80 15.63
CA ASN B 61 8.46 16.88 14.16
C ASN B 61 8.39 18.31 13.58
N GLY B 62 8.36 19.31 14.47
CA GLY B 62 8.34 20.70 14.06
C GLY B 62 7.04 21.18 13.44
N THR B 63 5.96 20.43 13.63
CA THR B 63 4.65 20.82 13.14
C THR B 63 3.61 20.85 14.27
N ILE B 64 2.56 21.64 14.08
CA ILE B 64 1.62 21.96 15.15
C ILE B 64 0.20 21.97 14.62
N ASP B 65 -0.72 21.33 15.33
CA ASP B 65 -2.15 21.36 14.98
C ASP B 65 -2.91 22.39 15.82
N PHE B 66 -4.20 22.53 15.54
CA PHE B 66 -5.00 23.58 16.17
C PHE B 66 -5.10 23.55 17.71
N PRO B 67 -5.38 22.37 18.32
CA PRO B 67 -5.39 22.33 19.80
C PRO B 67 -4.03 22.67 20.43
N GLU B 68 -2.95 22.23 19.78
CA GLU B 68 -1.58 22.57 20.19
C GLU B 68 -1.28 24.07 20.06
N PHE B 69 -1.84 24.69 19.01
CA PHE B 69 -1.75 26.14 18.78
C PHE B 69 -2.45 26.94 19.90
N LEU B 70 -3.62 26.49 20.33
CA LEU B 70 -4.35 27.10 21.45
C LEU B 70 -3.58 27.04 22.78
N THR B 71 -2.96 25.89 23.04
CA THR B 71 -2.13 25.69 24.22
C THR B 71 -0.92 26.64 24.19
N MET B 72 -0.35 26.81 23.00
CA MET B 72 0.81 27.67 22.79
C MET B 72 0.51 29.15 23.08
N MET B 73 -0.72 29.57 22.80
CA MET B 73 -1.20 30.93 23.09
C MET B 73 -1.57 31.14 24.54
N ALA B 74 -1.62 30.05 25.31
CA ALA B 74 -2.12 30.12 26.70
C ALA B 74 -1.01 30.47 27.69
N ARG B 75 -1.37 31.27 28.68
CA ARG B 75 -0.48 31.67 29.78
C ARG B 75 -1.31 32.28 30.93
N LYS B 76 -0.74 32.35 32.12
CA LYS B 76 -1.40 33.01 33.26
C LYS B 76 -1.45 34.52 33.04
N MET B 77 -2.62 35.10 33.23
CA MET B 77 -2.86 36.49 32.90
C MET B 77 -3.41 37.28 34.07
N LYS B 78 -3.01 38.56 34.16
CA LYS B 78 -3.57 39.47 35.16
C LYS B 78 -5.05 39.73 34.87
N ASP B 79 -5.73 40.46 35.74
CA ASP B 79 -7.12 40.87 35.49
C ASP B 79 -7.16 41.85 34.31
N THR B 80 -6.05 42.58 34.16
CA THR B 80 -5.94 43.72 33.26
C THR B 80 -5.43 43.35 31.85
N ASP B 81 -4.96 42.12 31.69
CA ASP B 81 -4.19 41.71 30.52
C ASP B 81 -4.99 41.54 29.23
N SER B 82 -6.14 40.87 29.28
CA SER B 82 -6.89 40.58 28.07
C SER B 82 -7.42 41.84 27.37
N GLU B 83 -7.72 42.87 28.15
CA GLU B 83 -8.13 44.16 27.60
C GLU B 83 -6.98 44.88 26.88
N GLU B 84 -5.78 44.83 27.44
CA GLU B 84 -4.61 45.41 26.79
C GLU B 84 -4.31 44.75 25.45
N GLU B 85 -4.46 43.43 25.39
CA GLU B 85 -4.25 42.67 24.16
C GLU B 85 -5.23 43.03 23.03
N ILE B 86 -6.48 43.31 23.40
CA ILE B 86 -7.52 43.69 22.42
C ILE B 86 -7.28 45.11 21.91
N ARG B 87 -6.91 46.00 22.84
CA ARG B 87 -6.45 47.35 22.50
C ARG B 87 -5.22 47.30 21.58
N GLU B 88 -4.33 46.37 21.84
CA GLU B 88 -3.14 46.19 21.02
C GLU B 88 -3.48 45.66 19.63
N ALA B 89 -4.52 44.83 19.55
CA ALA B 89 -5.03 44.32 18.27
C ALA B 89 -5.65 45.43 17.42
N PHE B 90 -6.40 46.31 18.07
CA PHE B 90 -6.95 47.48 17.40
C PHE B 90 -5.85 48.37 16.79
N ARG B 91 -4.74 48.53 17.52
CA ARG B 91 -3.61 49.36 17.08
C ARG B 91 -2.87 48.75 15.89
N VAL B 92 -2.96 47.43 15.75
CA VAL B 92 -2.45 46.74 14.57
C VAL B 92 -3.18 47.22 13.32
N PHE B 93 -4.48 47.47 13.44
CA PHE B 93 -5.31 48.03 12.38
C PHE B 93 -5.13 49.55 12.25
N ASP B 94 -5.33 50.27 13.35
CA ASP B 94 -5.20 51.72 13.44
C ASP B 94 -3.72 52.11 13.42
N LYS B 95 -3.10 52.09 12.24
CA LYS B 95 -1.65 52.26 12.11
C LYS B 95 -1.13 53.65 12.50
N ASP B 96 -1.96 54.69 12.37
CA ASP B 96 -1.50 56.04 12.68
C ASP B 96 -1.91 56.49 14.09
N GLY B 97 -2.59 55.60 14.81
CA GLY B 97 -2.96 55.84 16.20
C GLY B 97 -3.94 56.97 16.46
N ASN B 98 -4.71 57.37 15.43
CA ASN B 98 -5.71 58.43 15.57
C ASN B 98 -7.07 57.96 16.11
N GLY B 99 -7.14 56.68 16.50
CA GLY B 99 -8.34 56.12 17.11
C GLY B 99 -9.34 55.53 16.14
N PHE B 100 -9.04 55.61 14.85
CA PHE B 100 -9.97 55.16 13.81
C PHE B 100 -9.28 54.30 12.78
N ILE B 101 -9.95 53.24 12.36
CA ILE B 101 -9.42 52.41 11.30
C ILE B 101 -10.07 52.89 10.01
N SER B 102 -9.22 53.34 9.08
CA SER B 102 -9.68 53.78 7.78
C SER B 102 -9.71 52.62 6.80
N ALA B 103 -10.47 52.78 5.73
CA ALA B 103 -10.44 51.88 4.58
C ALA B 103 -9.02 51.49 4.17
N ALA B 104 -8.16 52.49 3.94
CA ALA B 104 -6.75 52.26 3.57
C ALA B 104 -5.95 51.47 4.62
N GLU B 105 -6.21 51.72 5.91
CA GLU B 105 -5.58 50.93 6.98
C GLU B 105 -6.03 49.45 7.00
N LEU B 106 -7.33 49.19 6.84
CA LEU B 106 -7.82 47.82 6.71
C LEU B 106 -7.20 47.08 5.51
N ARG B 107 -7.12 47.75 4.36
CA ARG B 107 -6.49 47.20 3.17
C ARG B 107 -5.05 46.79 3.43
N HIS B 108 -4.29 47.64 4.12
CA HIS B 108 -2.94 47.29 4.53
C HIS B 108 -2.92 45.94 5.28
N VAL B 109 -3.72 45.84 6.34
CA VAL B 109 -3.79 44.60 7.14
C VAL B 109 -4.26 43.40 6.31
N MET B 110 -5.38 43.56 5.60
CA MET B 110 -5.94 42.53 4.71
C MET B 110 -4.90 41.98 3.76
N THR B 111 -4.25 42.89 3.02
CA THR B 111 -3.28 42.50 2.00
C THR B 111 -1.98 41.92 2.58
N ASN B 112 -1.54 42.42 3.74
CA ASN B 112 -0.44 41.82 4.50
C ASN B 112 -0.70 40.34 4.84
N LEU B 113 -1.97 40.00 5.07
CA LEU B 113 -2.35 38.65 5.44
C LEU B 113 -2.71 37.78 4.23
N GLY B 114 -2.55 38.33 3.04
CA GLY B 114 -2.79 37.61 1.80
C GLY B 114 -4.24 37.57 1.34
N GLU B 115 -5.13 38.26 2.06
CA GLU B 115 -6.54 38.35 1.69
C GLU B 115 -6.69 39.02 0.34
N LYS B 116 -7.57 38.47 -0.49
CA LYS B 116 -7.82 38.99 -1.82
C LYS B 116 -9.22 39.55 -1.90
N LEU B 117 -9.28 40.86 -2.08
CA LEU B 117 -10.52 41.60 -2.21
C LEU B 117 -10.23 42.93 -2.88
N THR B 118 -11.27 43.52 -3.46
CA THR B 118 -11.12 44.76 -4.20
C THR B 118 -11.21 45.90 -3.21
N ASP B 119 -10.84 47.11 -3.66
CA ASP B 119 -10.98 48.31 -2.84
C ASP B 119 -12.44 48.61 -2.49
N GLU B 120 -13.34 48.31 -3.43
CA GLU B 120 -14.79 48.36 -3.18
C GLU B 120 -15.23 47.44 -2.04
N GLU B 121 -14.60 46.27 -1.96
CA GLU B 121 -14.93 45.29 -0.91
C GLU B 121 -14.28 45.65 0.44
N VAL B 122 -13.12 46.29 0.39
CA VAL B 122 -12.56 46.92 1.59
C VAL B 122 -13.48 48.00 2.13
N ASP B 123 -14.10 48.79 1.25
CA ASP B 123 -15.04 49.85 1.67
C ASP B 123 -16.30 49.25 2.29
N GLU B 124 -16.77 48.13 1.72
CA GLU B 124 -17.95 47.43 2.25
C GLU B 124 -17.70 46.93 3.67
N MET B 125 -16.53 46.34 3.88
CA MET B 125 -16.12 45.90 5.21
C MET B 125 -16.18 47.04 6.23
N ILE B 126 -15.66 48.20 5.86
CA ILE B 126 -15.68 49.37 6.75
C ILE B 126 -17.14 49.76 7.04
N ARG B 127 -17.96 49.81 5.99
CA ARG B 127 -19.36 50.19 6.09
C ARG B 127 -20.15 49.27 7.03
N GLU B 128 -19.91 47.96 6.94
CA GLU B 128 -20.66 47.02 7.81
C GLU B 128 -20.24 47.10 9.29
N SER B 129 -18.98 47.44 9.54
CA SER B 129 -18.50 47.59 10.93
C SER B 129 -18.80 48.98 11.52
N ASP B 130 -19.08 49.94 10.63
CA ASP B 130 -19.20 51.37 10.96
C ASP B 130 -20.59 51.69 11.47
N ILE B 131 -20.79 51.55 12.77
CA ILE B 131 -22.12 51.68 13.39
C ILE B 131 -22.56 53.13 13.51
N ASP B 132 -21.66 54.01 13.95
CA ASP B 132 -21.97 55.44 14.10
C ASP B 132 -21.99 56.23 12.78
N GLY B 133 -21.52 55.63 11.69
CA GLY B 133 -21.71 56.17 10.35
C GLY B 133 -20.78 57.27 9.87
N ASP B 134 -19.62 57.42 10.53
CA ASP B 134 -18.64 58.43 10.15
C ASP B 134 -17.61 57.92 9.13
N GLY B 135 -17.85 56.72 8.60
CA GLY B 135 -17.04 56.12 7.53
C GLY B 135 -15.74 55.45 7.97
N GLN B 136 -15.57 55.30 9.28
CA GLN B 136 -14.35 54.78 9.91
C GLN B 136 -14.75 53.87 11.08
N VAL B 137 -13.86 52.98 11.49
CA VAL B 137 -14.12 52.03 12.57
C VAL B 137 -13.35 52.41 13.85
N ASN B 138 -14.07 52.86 14.87
CA ASN B 138 -13.44 53.18 16.17
C ASN B 138 -13.31 51.95 17.07
N TYR B 139 -12.83 52.14 18.29
CA TYR B 139 -12.56 51.01 19.18
C TYR B 139 -13.83 50.21 19.54
N GLU B 140 -14.90 50.91 19.90
CA GLU B 140 -16.17 50.30 20.28
C GLU B 140 -16.72 49.41 19.18
N GLU B 141 -16.72 49.92 17.95
CA GLU B 141 -17.23 49.21 16.78
C GLU B 141 -16.35 48.04 16.38
N PHE B 142 -15.06 48.23 16.55
CA PHE B 142 -14.09 47.17 16.35
C PHE B 142 -14.38 46.00 17.29
N VAL B 143 -14.60 46.30 18.57
CA VAL B 143 -14.88 45.28 19.60
C VAL B 143 -16.21 44.58 19.34
N THR B 144 -17.27 45.36 19.10
CA THR B 144 -18.58 44.84 18.75
C THR B 144 -18.52 43.84 17.60
N MET B 145 -17.78 44.19 16.55
CA MET B 145 -17.61 43.29 15.39
C MET B 145 -16.88 42.00 15.76
N MET B 146 -15.84 42.14 16.58
CA MET B 146 -15.00 41.03 16.99
C MET B 146 -15.77 40.04 17.86
N THR B 147 -16.80 40.59 18.53
CA THR B 147 -17.63 39.90 19.52
C THR B 147 -18.91 39.30 18.91
N SER B 148 -19.16 39.61 17.64
CA SER B 148 -20.36 39.14 16.95
C SER B 148 -20.27 37.66 16.58
PB ADP C . 5.39 -10.00 -9.32
O1B ADP C . 6.53 -9.85 -8.36
O2B ADP C . 5.21 -11.45 -9.72
O3B ADP C . 4.12 -9.32 -8.89
PA ADP C . 7.13 -8.36 -11.03
O1A ADP C . 7.36 -7.19 -10.11
O2A ADP C . 8.21 -9.38 -11.20
O3A ADP C . 5.76 -9.16 -10.66
O5' ADP C . 6.75 -7.70 -12.44
C5' ADP C . 6.65 -8.51 -13.61
C4' ADP C . 7.36 -7.82 -14.77
O4' ADP C . 6.59 -6.70 -15.20
C3' ADP C . 8.71 -7.24 -14.39
O3' ADP C . 9.78 -8.18 -14.59
C2' ADP C . 8.82 -6.01 -15.25
O2' ADP C . 9.24 -6.37 -16.57
C1' ADP C . 7.40 -5.54 -15.41
N9 ADP C . 7.00 -4.43 -14.51
C8 ADP C . 6.22 -4.53 -13.40
N7 ADP C . 6.00 -3.32 -12.84
C5 ADP C . 6.65 -2.41 -13.58
C6 ADP C . 6.85 -0.93 -13.55
N6 ADP C . 6.28 -0.20 -12.56
N1 ADP C . 7.59 -0.33 -14.51
C2 ADP C . 8.15 -1.07 -15.49
N3 ADP C . 8.03 -2.41 -15.58
C4 ADP C . 7.30 -3.13 -14.69
BE BEF D . 5.67 -13.03 -9.02
F1 BEF D . 4.33 -13.27 -7.93
F2 BEF D . 7.18 -12.75 -8.21
F3 BEF D . 5.75 -14.08 -10.41
MG MG E . 7.92 -11.07 -7.58
CA CA F . -0.41 23.78 6.88
CA CA G . 4.11 18.16 16.35
CA CA H . -6.12 55.41 11.80
CA CA I . -17.49 54.65 12.89
#